data_8XE4
#
_entry.id   8XE4
#
_cell.length_a   64.728
_cell.length_b   79.668
_cell.length_c   92.009
_cell.angle_alpha   90.000
_cell.angle_beta   93.852
_cell.angle_gamma   90.000
#
_symmetry.space_group_name_H-M   'P 1 21 1'
#
loop_
_entity.id
_entity.type
_entity.pdbx_description
1 polymer "Norbelladine 4'-O-methyltransferase"
2 non-polymer 'MAGNESIUM ION'
3 non-polymer S-ADENOSYL-L-HOMOCYSTEINE
4 non-polymer Norbelladine
5 non-polymer GLYCEROL
6 water water
#
_entity_poly.entity_id   1
_entity_poly.type   'polypeptide(L)'
_entity_poly.pdbx_seq_one_letter_code
;GPGMGASIDDYSLVHKNILHSEDLLKYILETSAYPREHEQLKGLREVTEKHEWSSALVPADEGLFLSMLLKLMNAKRTIE
IGVYTGYSLLTTALALPEDGKITAIDVNKSYYEIGLPFIQKAGVEHKINFIESEALPVLDQMLEEMKEEDLYDYAFVDAD
KSNYANYHERLVKLVRIGGAILYDNTLWYGSVAYPEYPGLHPEEEVARLSFRNLNTFLAADPRVEISQVSIGDGVTICRR
LY
;
_entity_poly.pdbx_strand_id   A,B,C,D
#
# COMPACT_ATOMS: atom_id res chain seq x y z
N GLY A 1 -8.33 -0.95 -11.35
CA GLY A 1 -7.59 -1.26 -12.56
C GLY A 1 -6.65 -2.44 -12.41
N PRO A 2 -5.87 -2.73 -13.47
CA PRO A 2 -4.92 -3.86 -13.37
C PRO A 2 -3.85 -3.66 -12.31
N GLY A 3 -3.38 -2.43 -12.11
CA GLY A 3 -2.37 -2.20 -11.09
C GLY A 3 -2.93 -2.36 -9.68
N MET A 4 -4.01 -1.64 -9.38
CA MET A 4 -4.66 -1.72 -8.08
C MET A 4 -6.09 -1.26 -8.22
N GLY A 5 -6.85 -1.43 -7.14
CA GLY A 5 -8.19 -0.87 -7.05
C GLY A 5 -9.27 -1.87 -7.42
N ALA A 6 -10.16 -1.46 -8.31
CA ALA A 6 -11.39 -2.20 -8.57
C ALA A 6 -11.12 -3.44 -9.40
N SER A 7 -12.06 -4.38 -9.31
CA SER A 7 -12.03 -5.60 -10.11
C SER A 7 -12.39 -5.29 -11.56
N ILE A 8 -12.19 -6.29 -12.42
CA ILE A 8 -12.55 -6.13 -13.83
C ILE A 8 -14.07 -6.13 -14.00
N ASP A 9 -14.79 -6.87 -13.16
CA ASP A 9 -16.24 -6.94 -13.28
C ASP A 9 -16.92 -5.63 -12.89
N ASP A 10 -16.19 -4.67 -12.36
CA ASP A 10 -16.74 -3.35 -12.11
C ASP A 10 -16.64 -2.44 -13.34
N TYR A 11 -15.86 -2.82 -14.34
CA TYR A 11 -15.66 -2.00 -15.53
C TYR A 11 -16.76 -2.26 -16.55
N SER A 12 -17.08 -1.23 -17.33
CA SER A 12 -18.22 -1.27 -18.24
C SER A 12 -17.90 -0.88 -19.67
N LEU A 13 -16.71 -0.36 -19.96
CA LEU A 13 -16.37 0.12 -21.29
C LEU A 13 -15.60 -0.89 -22.12
N VAL A 14 -15.13 -1.99 -21.52
CA VAL A 14 -14.07 -2.78 -22.12
C VAL A 14 -14.49 -3.48 -23.41
N HIS A 15 -15.78 -3.73 -23.63
CA HIS A 15 -16.20 -4.39 -24.86
C HIS A 15 -16.50 -3.42 -26.00
N LYS A 16 -16.35 -2.12 -25.79
CA LYS A 16 -16.60 -1.15 -26.83
C LYS A 16 -15.40 -1.03 -27.76
N ASN A 17 -15.60 -0.36 -28.89
CA ASN A 17 -14.50 0.00 -29.77
C ASN A 17 -14.85 1.29 -30.50
N ILE A 18 -13.82 2.06 -30.83
CA ILE A 18 -14.06 3.37 -31.42
C ILE A 18 -14.37 3.29 -32.91
N LEU A 19 -14.11 2.17 -33.57
CA LEU A 19 -14.44 2.06 -34.99
C LEU A 19 -15.92 1.73 -35.15
N HIS A 20 -16.43 1.92 -36.37
CA HIS A 20 -17.87 1.80 -36.56
C HIS A 20 -18.36 0.36 -36.59
N SER A 21 -17.48 -0.64 -36.69
CA SER A 21 -17.94 -2.02 -36.60
C SER A 21 -16.79 -2.93 -36.23
N GLU A 22 -17.13 -4.03 -35.54
CA GLU A 22 -16.14 -5.07 -35.25
C GLU A 22 -15.59 -5.69 -36.52
N ASP A 23 -16.42 -5.78 -37.56
CA ASP A 23 -15.96 -6.40 -38.82
C ASP A 23 -14.81 -5.61 -39.43
N LEU A 24 -14.87 -4.28 -39.35
CA LEU A 24 -13.76 -3.48 -39.86
C LEU A 24 -12.49 -3.70 -39.05
N LEU A 25 -12.62 -3.71 -37.72
CA LEU A 25 -11.46 -3.97 -36.87
C LEU A 25 -10.88 -5.35 -37.16
N LYS A 26 -11.74 -6.37 -37.23
CA LYS A 26 -11.29 -7.72 -37.54
C LYS A 26 -10.57 -7.77 -38.88
N TYR A 27 -11.09 -7.03 -39.88
CA TYR A 27 -10.44 -6.99 -41.18
C TYR A 27 -9.02 -6.42 -41.06
N ILE A 28 -8.87 -5.32 -40.33
CA ILE A 28 -7.55 -4.70 -40.17
C ILE A 28 -6.57 -5.69 -39.53
N LEU A 29 -7.02 -6.38 -38.48
CA LEU A 29 -6.13 -7.26 -37.73
C LEU A 29 -5.72 -8.45 -38.58
N GLU A 30 -6.68 -9.10 -39.24
CA GLU A 30 -6.38 -10.29 -40.02
C GLU A 30 -5.64 -9.98 -41.32
N THR A 31 -5.93 -8.83 -41.93
CA THR A 31 -5.27 -8.49 -43.20
C THR A 31 -3.90 -7.87 -42.96
N SER A 32 -3.80 -6.94 -42.02
CA SER A 32 -2.65 -6.05 -41.93
C SER A 32 -1.80 -6.20 -40.67
N ALA A 33 -2.33 -6.79 -39.59
CA ALA A 33 -1.62 -6.82 -38.32
C ALA A 33 -1.05 -8.21 -38.05
N TYR A 34 -1.92 -9.22 -37.86
CA TYR A 34 -1.44 -10.57 -37.57
C TYR A 34 -0.42 -11.12 -38.57
N PRO A 35 -0.54 -10.89 -39.88
CA PRO A 35 0.51 -11.36 -40.80
C PRO A 35 1.86 -10.70 -40.58
N ARG A 36 1.92 -9.54 -39.94
CA ARG A 36 3.16 -8.84 -39.70
C ARG A 36 3.59 -8.92 -38.23
N GLU A 37 2.90 -9.72 -37.43
CA GLU A 37 3.14 -9.79 -36.00
C GLU A 37 4.21 -10.85 -35.71
N HIS A 38 5.27 -10.44 -35.00
CA HIS A 38 6.34 -11.36 -34.64
C HIS A 38 5.78 -12.58 -33.90
N GLU A 39 6.42 -13.72 -34.11
CA GLU A 39 5.94 -14.97 -33.53
C GLU A 39 5.81 -14.87 -32.01
N GLN A 40 6.76 -14.20 -31.35
CA GLN A 40 6.70 -14.10 -29.90
C GLN A 40 5.67 -13.08 -29.44
N LEU A 41 5.37 -12.07 -30.28
CA LEU A 41 4.27 -11.18 -29.97
C LEU A 41 2.94 -11.92 -30.04
N LYS A 42 2.79 -12.78 -31.06
CA LYS A 42 1.60 -13.63 -31.14
C LYS A 42 1.45 -14.47 -29.88
N GLY A 43 2.53 -15.13 -29.46
CA GLY A 43 2.46 -15.98 -28.28
C GLY A 43 2.19 -15.19 -27.02
N LEU A 44 2.83 -14.02 -26.87
CA LEU A 44 2.56 -13.19 -25.70
C LEU A 44 1.10 -12.73 -25.68
N ARG A 45 0.58 -12.33 -26.86
CA ARG A 45 -0.80 -11.88 -26.93
C ARG A 45 -1.78 -13.00 -26.58
N GLU A 46 -1.50 -14.22 -27.05
CA GLU A 46 -2.45 -15.32 -26.85
C GLU A 46 -2.55 -15.73 -25.38
N VAL A 47 -1.43 -15.69 -24.65
N VAL A 47 -1.42 -15.72 -24.67
CA VAL A 47 -1.51 -16.00 -23.22
CA VAL A 47 -1.46 -15.98 -23.24
C VAL A 47 -2.16 -14.85 -22.46
C VAL A 47 -2.23 -14.87 -22.53
N THR A 48 -2.00 -13.62 -22.93
CA THR A 48 -2.62 -12.49 -22.25
C THR A 48 -4.12 -12.43 -22.49
N GLU A 49 -4.58 -12.91 -23.66
CA GLU A 49 -6.01 -12.94 -23.92
C GLU A 49 -6.78 -13.81 -22.92
N LYS A 50 -6.09 -14.71 -22.23
CA LYS A 50 -6.68 -15.53 -21.19
C LYS A 50 -6.56 -14.92 -19.80
N HIS A 51 -5.89 -13.78 -19.68
CA HIS A 51 -5.69 -13.16 -18.37
C HIS A 51 -6.89 -12.31 -17.99
N GLU A 52 -7.05 -12.13 -16.67
CA GLU A 52 -8.15 -11.35 -16.11
C GLU A 52 -8.25 -9.97 -16.74
N TRP A 53 -7.11 -9.32 -16.97
CA TRP A 53 -7.08 -7.94 -17.46
C TRP A 53 -6.74 -7.85 -18.94
N SER A 54 -7.14 -8.84 -19.73
CA SER A 54 -6.85 -8.84 -21.17
C SER A 54 -7.33 -7.56 -21.85
N SER A 55 -8.37 -6.91 -21.29
CA SER A 55 -8.91 -5.70 -21.91
C SER A 55 -7.90 -4.56 -21.93
N ALA A 56 -6.86 -4.62 -21.09
CA ALA A 56 -5.85 -3.56 -21.05
C ALA A 56 -4.75 -3.72 -22.10
N LEU A 57 -4.76 -4.82 -22.85
CA LEU A 57 -3.69 -5.14 -23.78
C LEU A 57 -3.68 -4.19 -24.97
N VAL A 58 -2.50 -3.70 -25.34
CA VAL A 58 -2.39 -2.91 -26.58
C VAL A 58 -2.68 -3.82 -27.77
N PRO A 59 -3.58 -3.44 -28.67
CA PRO A 59 -3.95 -4.33 -29.79
C PRO A 59 -2.87 -4.39 -30.86
N ALA A 60 -3.00 -5.41 -31.72
CA ALA A 60 -1.94 -5.74 -32.66
C ALA A 60 -1.77 -4.68 -33.75
N ASP A 61 -2.85 -3.99 -34.15
CA ASP A 61 -2.68 -2.94 -35.14
C ASP A 61 -2.01 -1.71 -34.54
N GLU A 62 -2.40 -1.32 -33.32
CA GLU A 62 -1.68 -0.25 -32.64
C GLU A 62 -0.20 -0.61 -32.46
N GLY A 63 0.09 -1.86 -32.10
CA GLY A 63 1.48 -2.26 -31.90
C GLY A 63 2.35 -1.98 -33.12
N LEU A 64 1.85 -2.35 -34.30
CA LEU A 64 2.61 -2.09 -35.52
C LEU A 64 2.77 -0.60 -35.79
N PHE A 65 1.78 0.20 -35.39
N PHE A 65 1.79 0.20 -35.36
CA PHE A 65 1.93 1.66 -35.53
CA PHE A 65 1.88 1.65 -35.50
C PHE A 65 3.03 2.17 -34.61
C PHE A 65 2.94 2.24 -34.57
N LEU A 66 3.05 1.71 -33.35
CA LEU A 66 4.13 2.09 -32.45
C LEU A 66 5.48 1.71 -33.02
N SER A 67 5.59 0.50 -33.56
CA SER A 67 6.83 0.04 -34.17
C SER A 67 7.25 0.93 -35.33
N MET A 68 6.28 1.34 -36.17
CA MET A 68 6.61 2.15 -37.34
C MET A 68 7.13 3.53 -36.96
N LEU A 69 6.51 4.15 -35.95
CA LEU A 69 6.99 5.44 -35.45
C LEU A 69 8.42 5.33 -34.92
N LEU A 70 8.68 4.28 -34.12
CA LEU A 70 10.00 4.11 -33.54
C LEU A 70 11.08 4.01 -34.62
N LYS A 71 10.79 3.29 -35.70
CA LYS A 71 11.80 3.12 -36.74
C LYS A 71 11.95 4.37 -37.59
N LEU A 72 10.84 5.02 -37.94
CA LEU A 72 10.91 6.22 -38.76
C LEU A 72 11.68 7.35 -38.06
N MET A 73 11.56 7.45 -36.74
CA MET A 73 12.31 8.48 -36.02
C MET A 73 13.68 8.00 -35.56
N ASN A 74 14.06 6.75 -35.88
CA ASN A 74 15.38 6.21 -35.53
C ASN A 74 15.62 6.25 -34.03
N ALA A 75 14.60 5.87 -33.24
CA ALA A 75 14.73 5.92 -31.80
C ALA A 75 15.72 4.89 -31.29
N LYS A 76 16.44 5.23 -30.24
CA LYS A 76 17.43 4.32 -29.66
C LYS A 76 17.23 4.13 -28.16
N ARG A 77 16.76 5.17 -27.48
CA ARG A 77 16.60 5.17 -26.02
C ARG A 77 15.16 5.54 -25.70
N THR A 78 14.43 4.65 -25.02
CA THR A 78 13.00 4.84 -24.81
C THR A 78 12.62 4.52 -23.37
N ILE A 79 11.42 4.95 -23.00
CA ILE A 79 10.84 4.65 -21.70
C ILE A 79 9.41 4.14 -21.90
N GLU A 80 9.07 3.08 -21.19
CA GLU A 80 7.80 2.39 -21.32
C GLU A 80 7.14 2.42 -19.94
N ILE A 81 6.00 3.11 -19.84
CA ILE A 81 5.35 3.36 -18.56
C ILE A 81 4.02 2.62 -18.57
N GLY A 82 3.92 1.56 -17.77
CA GLY A 82 2.77 0.68 -17.84
C GLY A 82 3.04 -0.49 -18.76
N VAL A 83 3.63 -1.55 -18.21
CA VAL A 83 4.12 -2.66 -19.04
C VAL A 83 3.09 -3.77 -19.16
N TYR A 84 2.36 -4.07 -18.09
CA TYR A 84 1.44 -5.22 -18.02
C TYR A 84 2.23 -6.47 -18.44
N THR A 85 1.73 -7.29 -19.36
CA THR A 85 2.46 -8.49 -19.77
C THR A 85 3.55 -8.21 -20.82
N GLY A 86 3.68 -6.97 -21.28
CA GLY A 86 4.81 -6.56 -22.08
C GLY A 86 4.62 -6.56 -23.59
N TYR A 87 3.37 -6.47 -24.09
CA TYR A 87 3.18 -6.48 -25.53
C TYR A 87 3.78 -5.25 -26.19
N SER A 88 3.47 -4.05 -25.67
CA SER A 88 4.07 -2.84 -26.22
C SER A 88 5.58 -2.79 -25.94
N LEU A 89 6.01 -3.37 -24.81
CA LEU A 89 7.43 -3.40 -24.49
C LEU A 89 8.18 -4.31 -25.46
N LEU A 90 7.63 -5.49 -25.76
CA LEU A 90 8.27 -6.38 -26.73
C LEU A 90 8.26 -5.75 -28.12
N THR A 91 7.17 -5.06 -28.47
CA THR A 91 7.12 -4.33 -29.73
C THR A 91 8.26 -3.31 -29.83
N THR A 92 8.45 -2.52 -28.77
CA THR A 92 9.52 -1.53 -28.75
C THR A 92 10.88 -2.22 -28.87
N ALA A 93 11.12 -3.26 -28.07
CA ALA A 93 12.43 -3.90 -28.07
C ALA A 93 12.75 -4.54 -29.42
N LEU A 94 11.74 -5.05 -30.12
CA LEU A 94 11.99 -5.61 -31.45
C LEU A 94 12.27 -4.50 -32.46
N ALA A 95 11.71 -3.32 -32.27
CA ALA A 95 11.88 -2.24 -33.24
C ALA A 95 13.21 -1.53 -33.08
N LEU A 96 13.73 -1.41 -31.87
CA LEU A 96 14.96 -0.69 -31.64
C LEU A 96 16.15 -1.45 -32.23
N PRO A 97 17.25 -0.74 -32.53
CA PRO A 97 18.46 -1.45 -32.98
C PRO A 97 19.05 -2.33 -31.89
N GLU A 98 20.14 -3.04 -32.22
N GLU A 98 20.14 -3.03 -32.22
CA GLU A 98 20.74 -3.98 -31.27
CA GLU A 98 20.73 -3.97 -31.26
C GLU A 98 21.18 -3.26 -29.99
C GLU A 98 21.18 -3.27 -29.99
N ASP A 99 21.69 -2.04 -30.11
CA ASP A 99 22.16 -1.28 -28.96
C ASP A 99 21.08 -0.39 -28.35
N GLY A 100 19.81 -0.63 -28.67
CA GLY A 100 18.73 0.13 -28.05
C GLY A 100 18.59 -0.18 -26.57
N LYS A 101 18.08 0.79 -25.83
CA LYS A 101 17.92 0.70 -24.39
C LYS A 101 16.52 1.18 -24.00
N ILE A 102 15.89 0.44 -23.08
CA ILE A 102 14.53 0.73 -22.66
C ILE A 102 14.47 0.77 -21.14
N THR A 103 13.89 1.83 -20.60
CA THR A 103 13.50 1.87 -19.19
C THR A 103 12.03 1.54 -19.10
N ALA A 104 11.70 0.42 -18.45
CA ALA A 104 10.33 -0.06 -18.35
C ALA A 104 9.90 -0.02 -16.89
N ILE A 105 8.74 0.56 -16.62
CA ILE A 105 8.28 0.83 -15.27
C ILE A 105 6.86 0.29 -15.09
N ASP A 106 6.65 -0.49 -14.03
CA ASP A 106 5.31 -0.99 -13.71
C ASP A 106 5.28 -1.35 -12.23
N VAL A 107 4.13 -1.13 -11.59
CA VAL A 107 3.99 -1.48 -10.18
C VAL A 107 3.91 -2.97 -9.93
N ASN A 108 3.69 -3.77 -10.97
CA ASN A 108 3.44 -5.21 -10.80
C ASN A 108 4.37 -6.00 -11.73
N LYS A 109 5.47 -6.52 -11.17
CA LYS A 109 6.40 -7.30 -11.96
C LYS A 109 5.86 -8.68 -12.30
N SER A 110 4.88 -9.18 -11.53
N SER A 110 4.87 -9.18 -11.54
CA SER A 110 4.29 -10.48 -11.84
CA SER A 110 4.30 -10.48 -11.85
C SER A 110 3.64 -10.48 -13.21
C SER A 110 3.61 -10.49 -13.21
N TYR A 111 3.05 -9.36 -13.63
CA TYR A 111 2.51 -9.25 -14.97
C TYR A 111 3.61 -9.38 -16.00
N TYR A 112 4.70 -8.63 -15.82
CA TYR A 112 5.82 -8.65 -16.74
C TYR A 112 6.38 -10.06 -16.91
N GLU A 113 6.50 -10.81 -15.81
CA GLU A 113 7.06 -12.15 -15.89
C GLU A 113 6.19 -13.11 -16.70
N ILE A 114 4.93 -12.76 -16.96
CA ILE A 114 4.12 -13.54 -17.89
C ILE A 114 4.68 -13.42 -19.32
N GLY A 115 5.09 -12.21 -19.71
CA GLY A 115 5.58 -12.01 -21.06
C GLY A 115 7.06 -12.25 -21.23
N LEU A 116 7.80 -12.21 -20.13
CA LEU A 116 9.25 -12.38 -20.19
C LEU A 116 9.74 -13.60 -20.99
N PRO A 117 9.14 -14.78 -20.89
CA PRO A 117 9.63 -15.91 -21.71
C PRO A 117 9.58 -15.62 -23.20
N PHE A 118 8.59 -14.85 -23.66
CA PHE A 118 8.52 -14.51 -25.08
C PHE A 118 9.55 -13.43 -25.43
N ILE A 119 9.75 -12.47 -24.54
CA ILE A 119 10.81 -11.47 -24.74
C ILE A 119 12.18 -12.14 -24.80
N GLN A 120 12.41 -13.14 -23.94
CA GLN A 120 13.70 -13.83 -23.96
C GLN A 120 13.89 -14.65 -25.23
N LYS A 121 12.85 -15.38 -25.66
CA LYS A 121 12.98 -16.16 -26.89
C LYS A 121 13.14 -15.27 -28.13
N ALA A 122 12.65 -14.03 -28.06
CA ALA A 122 12.88 -13.10 -29.16
C ALA A 122 14.31 -12.57 -29.19
N GLY A 123 15.05 -12.71 -28.09
CA GLY A 123 16.44 -12.30 -28.05
C GLY A 123 16.68 -10.84 -27.73
N VAL A 124 15.73 -10.16 -27.10
CA VAL A 124 15.86 -8.72 -26.88
C VAL A 124 15.74 -8.34 -25.41
N GLU A 125 15.83 -9.31 -24.50
CA GLU A 125 15.73 -8.97 -23.08
C GLU A 125 16.88 -8.05 -22.66
N HIS A 126 18.03 -8.16 -23.31
CA HIS A 126 19.20 -7.37 -22.94
C HIS A 126 18.97 -5.88 -23.11
N LYS A 127 17.95 -5.47 -23.85
CA LYS A 127 17.64 -4.05 -24.03
C LYS A 127 16.84 -3.47 -22.88
N ILE A 128 16.27 -4.30 -22.00
CA ILE A 128 15.24 -3.89 -21.06
C ILE A 128 15.82 -3.77 -19.65
N ASN A 129 15.64 -2.61 -19.03
CA ASN A 129 15.83 -2.43 -17.59
C ASN A 129 14.45 -2.24 -16.97
N PHE A 130 13.93 -3.29 -16.32
CA PHE A 130 12.62 -3.22 -15.70
C PHE A 130 12.74 -2.70 -14.27
N ILE A 131 11.87 -1.76 -13.92
CA ILE A 131 11.81 -1.19 -12.58
C ILE A 131 10.40 -1.42 -12.04
N GLU A 132 10.30 -2.18 -10.95
CA GLU A 132 9.02 -2.41 -10.30
C GLU A 132 8.79 -1.29 -9.29
N SER A 133 7.86 -0.39 -9.60
CA SER A 133 7.62 0.77 -8.77
C SER A 133 6.44 1.55 -9.34
N GLU A 134 5.91 2.46 -8.52
CA GLU A 134 5.05 3.49 -9.06
C GLU A 134 5.88 4.39 -9.96
N ALA A 135 5.27 4.84 -11.06
CA ALA A 135 6.03 5.54 -12.11
C ALA A 135 6.50 6.91 -11.63
N LEU A 136 5.63 7.64 -10.94
CA LEU A 136 5.95 9.03 -10.59
C LEU A 136 7.26 9.17 -9.80
N PRO A 137 7.51 8.40 -8.73
CA PRO A 137 8.80 8.55 -8.03
C PRO A 137 10.00 8.20 -8.88
N VAL A 138 9.87 7.22 -9.78
CA VAL A 138 10.96 6.90 -10.69
C VAL A 138 11.23 8.08 -11.62
N LEU A 139 10.17 8.64 -12.20
CA LEU A 139 10.32 9.78 -13.11
C LEU A 139 10.93 10.98 -12.40
N ASP A 140 10.49 11.25 -11.17
CA ASP A 140 11.10 12.33 -10.39
C ASP A 140 12.56 12.05 -10.09
N GLN A 141 12.86 10.80 -9.70
CA GLN A 141 14.24 10.42 -9.48
C GLN A 141 15.08 10.59 -10.74
N MET A 142 14.52 10.19 -11.89
CA MET A 142 15.25 10.32 -13.16
C MET A 142 15.54 11.79 -13.48
N LEU A 143 14.61 12.69 -13.17
CA LEU A 143 14.82 14.10 -13.49
C LEU A 143 15.97 14.69 -12.69
N GLU A 144 16.18 14.23 -11.46
CA GLU A 144 17.34 14.70 -10.69
C GLU A 144 18.64 14.21 -11.31
N GLU A 145 18.66 12.99 -11.83
CA GLU A 145 19.89 12.33 -12.24
C GLU A 145 20.24 12.51 -13.71
N MET A 146 19.31 12.96 -14.55
CA MET A 146 19.51 12.88 -15.98
C MET A 146 20.39 14.01 -16.47
N LYS A 147 21.37 13.66 -17.30
CA LYS A 147 22.18 14.62 -18.03
C LYS A 147 21.58 14.85 -19.43
N GLU A 148 22.02 15.95 -20.06
CA GLU A 148 21.37 16.41 -21.29
C GLU A 148 21.47 15.39 -22.42
N GLU A 149 22.57 14.64 -22.48
CA GLU A 149 22.73 13.65 -23.53
C GLU A 149 22.16 12.28 -23.15
N ASP A 150 21.60 12.14 -21.96
CA ASP A 150 20.89 10.94 -21.56
C ASP A 150 19.41 10.98 -21.93
N LEU A 151 18.94 12.05 -22.55
CA LEU A 151 17.51 12.23 -22.81
C LEU A 151 16.97 11.09 -23.67
N TYR A 152 15.68 10.83 -23.50
CA TYR A 152 15.02 9.75 -24.22
C TYR A 152 14.47 10.24 -25.55
N ASP A 153 14.45 9.33 -26.53
CA ASP A 153 13.87 9.63 -27.83
C ASP A 153 12.36 9.49 -27.83
N TYR A 154 11.82 8.61 -26.98
CA TYR A 154 10.45 8.16 -27.11
C TYR A 154 9.95 7.68 -25.76
N ALA A 155 8.72 8.06 -25.43
CA ALA A 155 8.04 7.60 -24.22
C ALA A 155 6.66 7.10 -24.62
N PHE A 156 6.28 5.94 -24.10
CA PHE A 156 4.94 5.39 -24.28
C PHE A 156 4.28 5.34 -22.90
N VAL A 157 3.15 6.01 -22.77
CA VAL A 157 2.48 6.19 -21.48
C VAL A 157 1.16 5.42 -21.51
N ASP A 158 1.06 4.42 -20.62
CA ASP A 158 -0.07 3.49 -20.65
C ASP A 158 -0.34 2.93 -19.26
N ALA A 159 -0.14 3.72 -18.22
CA ALA A 159 -0.20 3.23 -16.84
C ALA A 159 -1.51 3.67 -16.21
N ASP A 160 -1.46 4.42 -15.10
N ASP A 160 -1.50 4.30 -15.04
CA ASP A 160 -2.65 4.84 -14.37
CA ASP A 160 -2.76 4.64 -14.40
C ASP A 160 -3.40 5.89 -15.19
C ASP A 160 -3.41 5.82 -15.11
N LYS A 161 -4.61 5.56 -15.66
CA LYS A 161 -5.29 6.44 -16.61
C LYS A 161 -5.81 7.74 -16.01
N SER A 162 -5.67 7.98 -14.71
CA SER A 162 -6.08 9.25 -14.13
C SER A 162 -4.88 10.09 -13.70
N ASN A 163 -3.66 9.63 -13.97
CA ASN A 163 -2.46 10.36 -13.55
C ASN A 163 -1.60 10.79 -14.74
N TYR A 164 -2.16 10.77 -15.96
CA TYR A 164 -1.36 11.13 -17.14
C TYR A 164 -0.84 12.56 -17.05
N ALA A 165 -1.66 13.48 -16.54
CA ALA A 165 -1.23 14.88 -16.45
C ALA A 165 0.02 15.03 -15.62
N ASN A 166 0.13 14.26 -14.53
CA ASN A 166 1.35 14.32 -13.71
C ASN A 166 2.54 13.74 -14.47
N TYR A 167 2.34 12.61 -15.17
N TYR A 167 2.34 12.64 -15.19
CA TYR A 167 3.38 12.03 -16.00
CA TYR A 167 3.43 12.06 -15.97
C TYR A 167 3.90 13.05 -17.01
C TYR A 167 3.90 13.02 -17.06
N HIS A 168 2.98 13.79 -17.64
CA HIS A 168 3.35 14.71 -18.71
C HIS A 168 4.34 15.76 -18.23
N GLU A 169 4.12 16.32 -17.04
CA GLU A 169 4.99 17.40 -16.58
C GLU A 169 6.43 16.94 -16.41
N ARG A 170 6.65 15.64 -16.15
CA ARG A 170 8.01 15.13 -16.09
C ARG A 170 8.55 14.80 -17.48
N LEU A 171 7.72 14.18 -18.32
CA LEU A 171 8.21 13.63 -19.58
C LEU A 171 8.63 14.72 -20.56
N VAL A 172 7.99 15.90 -20.51
CA VAL A 172 8.41 16.99 -21.38
C VAL A 172 9.80 17.49 -21.04
N LYS A 173 10.39 17.03 -19.93
CA LYS A 173 11.77 17.32 -19.58
C LYS A 173 12.68 16.10 -19.69
N LEU A 174 12.12 14.89 -19.80
CA LEU A 174 12.91 13.68 -19.90
C LEU A 174 13.13 13.21 -21.34
N VAL A 175 12.29 13.63 -22.26
CA VAL A 175 12.43 13.31 -23.67
C VAL A 175 13.13 14.47 -24.36
N ARG A 176 13.97 14.15 -25.34
CA ARG A 176 14.74 15.18 -26.04
C ARG A 176 13.82 16.10 -26.85
N ILE A 177 14.34 17.27 -27.18
CA ILE A 177 13.67 18.13 -28.15
C ILE A 177 13.54 17.38 -29.46
N GLY A 178 12.36 17.43 -30.05
CA GLY A 178 12.06 16.60 -31.20
C GLY A 178 11.72 15.15 -30.88
N GLY A 179 11.85 14.73 -29.62
CA GLY A 179 11.43 13.40 -29.23
C GLY A 179 9.93 13.31 -29.07
N ALA A 180 9.44 12.09 -28.89
CA ALA A 180 8.01 11.79 -28.92
C ALA A 180 7.52 11.27 -27.57
N ILE A 181 6.35 11.76 -27.17
CA ILE A 181 5.62 11.23 -26.01
C ILE A 181 4.26 10.77 -26.50
N LEU A 182 3.92 9.51 -26.26
CA LEU A 182 2.67 8.93 -26.73
C LEU A 182 1.79 8.56 -25.53
N TYR A 183 0.56 9.05 -25.53
CA TYR A 183 -0.41 8.73 -24.49
C TYR A 183 -1.44 7.77 -25.06
N ASP A 184 -1.60 6.62 -24.41
CA ASP A 184 -2.56 5.61 -24.85
C ASP A 184 -3.92 5.87 -24.21
N ASN A 185 -4.97 5.47 -24.92
CA ASN A 185 -6.36 5.49 -24.45
C ASN A 185 -6.96 6.89 -24.36
N THR A 186 -6.48 7.86 -25.15
CA THR A 186 -7.01 9.22 -25.00
C THR A 186 -8.42 9.40 -25.55
N LEU A 187 -9.03 8.39 -26.18
CA LEU A 187 -10.44 8.49 -26.56
C LEU A 187 -11.35 7.72 -25.60
N TRP A 188 -10.78 6.88 -24.73
CA TRP A 188 -11.47 6.17 -23.66
C TRP A 188 -12.82 5.62 -24.15
N TYR A 189 -12.74 4.80 -25.21
CA TYR A 189 -13.87 4.05 -25.75
C TYR A 189 -14.96 4.97 -26.27
N GLY A 190 -14.58 6.18 -26.66
CA GLY A 190 -15.53 7.17 -27.14
C GLY A 190 -16.19 8.00 -26.06
N SER A 191 -16.00 7.64 -24.79
CA SER A 191 -16.74 8.30 -23.71
C SER A 191 -16.26 9.72 -23.43
N VAL A 192 -15.09 10.11 -23.93
CA VAL A 192 -14.64 11.50 -23.78
C VAL A 192 -15.44 12.47 -24.64
N ALA A 193 -16.28 11.97 -25.55
CA ALA A 193 -16.97 12.84 -26.50
C ALA A 193 -18.03 13.73 -25.85
N TYR A 194 -18.40 13.47 -24.60
CA TYR A 194 -19.46 14.21 -23.94
C TYR A 194 -19.01 14.69 -22.57
N PRO A 195 -19.46 15.86 -22.13
CA PRO A 195 -19.19 16.27 -20.74
C PRO A 195 -19.74 15.29 -19.72
N GLU A 196 -20.97 14.82 -19.92
CA GLU A 196 -21.58 13.83 -19.03
C GLU A 196 -21.78 12.52 -19.77
N TYR A 197 -21.60 11.41 -19.07
CA TYR A 197 -21.65 10.10 -19.67
C TYR A 197 -22.25 9.17 -18.62
N PRO A 198 -23.24 8.35 -18.98
CA PRO A 198 -23.97 7.60 -17.96
C PRO A 198 -23.26 6.33 -17.51
N GLY A 199 -23.46 6.01 -16.23
CA GLY A 199 -23.34 4.65 -15.74
C GLY A 199 -21.95 4.08 -15.53
N LEU A 200 -20.91 4.90 -15.44
CA LEU A 200 -19.57 4.36 -15.28
C LEU A 200 -19.22 4.18 -13.81
N HIS A 201 -18.45 3.12 -13.54
CA HIS A 201 -17.81 2.94 -12.23
C HIS A 201 -16.92 4.15 -11.94
N PRO A 202 -16.73 4.49 -10.66
CA PRO A 202 -15.89 5.66 -10.33
C PRO A 202 -14.51 5.64 -10.98
N GLU A 203 -13.80 4.51 -11.00
CA GLU A 203 -12.48 4.49 -11.62
C GLU A 203 -12.56 4.83 -13.10
N GLU A 204 -13.57 4.32 -13.79
CA GLU A 204 -13.75 4.59 -15.20
C GLU A 204 -14.19 6.03 -15.44
N GLU A 205 -15.06 6.55 -14.57
CA GLU A 205 -15.51 7.93 -14.72
C GLU A 205 -14.37 8.90 -14.45
N VAL A 206 -13.55 8.62 -13.43
CA VAL A 206 -12.42 9.48 -13.13
C VAL A 206 -11.43 9.50 -14.28
N ALA A 207 -11.20 8.34 -14.91
CA ALA A 207 -10.30 8.29 -16.06
C ALA A 207 -10.90 9.08 -17.24
N ARG A 208 -12.20 8.96 -17.45
CA ARG A 208 -12.87 9.70 -18.52
C ARG A 208 -12.67 11.21 -18.34
N LEU A 209 -12.90 11.72 -17.14
CA LEU A 209 -12.73 13.15 -16.88
C LEU A 209 -11.27 13.55 -17.03
N SER A 210 -10.36 12.70 -16.55
CA SER A 210 -8.94 12.97 -16.68
C SER A 210 -8.53 13.11 -18.15
N PHE A 211 -9.09 12.27 -19.03
CA PHE A 211 -8.72 12.33 -20.44
C PHE A 211 -9.33 13.56 -21.12
N ARG A 212 -10.54 13.94 -20.74
CA ARG A 212 -11.13 15.17 -21.28
C ARG A 212 -10.26 16.38 -20.91
N ASN A 213 -9.82 16.45 -19.65
CA ASN A 213 -8.94 17.54 -19.24
C ASN A 213 -7.60 17.48 -19.96
N LEU A 214 -7.01 16.27 -20.04
CA LEU A 214 -5.70 16.13 -20.68
C LEU A 214 -5.77 16.48 -22.17
N ASN A 215 -6.82 16.03 -22.86
CA ASN A 215 -6.92 16.30 -24.29
C ASN A 215 -6.98 17.80 -24.57
N THR A 216 -7.79 18.52 -23.78
CA THR A 216 -7.83 19.97 -23.88
C THR A 216 -6.48 20.59 -23.54
N PHE A 217 -5.86 20.11 -22.46
CA PHE A 217 -4.57 20.66 -22.03
C PHE A 217 -3.50 20.46 -23.10
N LEU A 218 -3.40 19.24 -23.65
CA LEU A 218 -2.35 18.97 -24.62
C LEU A 218 -2.51 19.83 -25.88
N ALA A 219 -3.75 20.09 -26.29
CA ALA A 219 -3.98 20.92 -27.47
C ALA A 219 -3.57 22.37 -27.24
N ALA A 220 -3.53 22.82 -25.99
CA ALA A 220 -3.12 24.19 -25.68
C ALA A 220 -1.68 24.29 -25.21
N ASP A 221 -0.96 23.18 -25.13
CA ASP A 221 0.38 23.14 -24.53
C ASP A 221 1.43 23.59 -25.54
N PRO A 222 2.02 24.78 -25.37
CA PRO A 222 3.01 25.26 -26.34
C PRO A 222 4.32 24.50 -26.32
N ARG A 223 4.57 23.66 -25.30
CA ARG A 223 5.80 22.89 -25.25
C ARG A 223 5.82 21.74 -26.25
N VAL A 224 4.67 21.38 -26.84
CA VAL A 224 4.60 20.25 -27.75
C VAL A 224 3.76 20.60 -28.97
N GLU A 225 4.01 19.84 -30.05
CA GLU A 225 3.05 19.65 -31.14
C GLU A 225 2.38 18.30 -30.93
N ILE A 226 1.11 18.20 -31.34
CA ILE A 226 0.33 17.00 -31.03
C ILE A 226 -0.40 16.49 -32.27
N SER A 227 -0.74 15.20 -32.22
CA SER A 227 -1.64 14.56 -33.18
C SER A 227 -2.37 13.45 -32.45
N GLN A 228 -3.70 13.59 -32.32
CA GLN A 228 -4.52 12.54 -31.72
C GLN A 228 -4.99 11.61 -32.84
N VAL A 229 -4.66 10.32 -32.72
CA VAL A 229 -4.85 9.35 -33.79
C VAL A 229 -5.91 8.33 -33.35
N SER A 230 -6.93 8.13 -34.20
CA SER A 230 -8.03 7.22 -33.88
C SER A 230 -7.68 5.76 -34.15
N ILE A 231 -6.59 5.31 -33.52
CA ILE A 231 -6.15 3.92 -33.59
C ILE A 231 -6.19 3.34 -32.18
N GLY A 232 -6.52 2.05 -32.09
CA GLY A 232 -6.65 1.41 -30.80
C GLY A 232 -7.78 1.99 -29.97
N ASP A 233 -7.44 2.62 -28.85
CA ASP A 233 -8.40 3.38 -28.06
C ASP A 233 -8.05 4.88 -28.08
N GLY A 234 -7.44 5.33 -29.17
CA GLY A 234 -6.95 6.69 -29.25
C GLY A 234 -5.53 6.81 -28.73
N VAL A 235 -4.63 7.33 -29.55
CA VAL A 235 -3.24 7.57 -29.17
C VAL A 235 -2.93 9.01 -29.53
N THR A 236 -2.44 9.78 -28.56
CA THR A 236 -2.01 11.14 -28.82
C THR A 236 -0.49 11.18 -28.89
N ILE A 237 0.03 11.54 -30.05
CA ILE A 237 1.46 11.73 -30.23
C ILE A 237 1.82 13.17 -29.89
N CYS A 238 2.79 13.34 -29.00
CA CYS A 238 3.34 14.64 -28.66
C CYS A 238 4.80 14.68 -29.07
N ARG A 239 5.20 15.77 -29.73
N ARG A 239 5.21 15.77 -29.72
CA ARG A 239 6.59 16.01 -30.11
CA ARG A 239 6.59 16.01 -30.11
C ARG A 239 7.08 17.24 -29.35
C ARG A 239 7.09 17.24 -29.37
N ARG A 240 8.17 17.08 -28.61
CA ARG A 240 8.67 18.19 -27.79
C ARG A 240 9.32 19.27 -28.66
N LEU A 241 8.88 20.52 -28.48
CA LEU A 241 9.37 21.65 -29.26
C LEU A 241 10.52 22.37 -28.57
N TYR A 242 10.51 22.45 -27.25
CA TYR A 242 11.58 23.09 -26.47
C TYR A 242 11.53 22.56 -25.06
N GLY B 1 -9.42 -8.57 32.07
CA GLY B 1 -8.99 -7.95 30.83
C GLY B 1 -8.15 -8.85 29.96
N PRO B 2 -7.91 -8.43 28.71
CA PRO B 2 -7.08 -9.26 27.81
C PRO B 2 -5.68 -9.52 28.33
N GLY B 3 -5.10 -8.61 29.09
CA GLY B 3 -3.75 -8.79 29.60
C GLY B 3 -3.68 -9.54 30.92
N MET B 4 -4.59 -9.23 31.83
CA MET B 4 -4.61 -9.88 33.14
C MET B 4 -5.95 -9.61 33.79
N GLY B 5 -6.36 -10.54 34.67
CA GLY B 5 -7.55 -10.34 35.47
C GLY B 5 -8.72 -11.23 35.11
N ALA B 6 -9.90 -10.62 35.01
CA ALA B 6 -11.15 -11.35 34.86
C ALA B 6 -11.30 -11.91 33.45
N SER B 7 -12.24 -12.84 33.31
CA SER B 7 -12.52 -13.51 32.05
C SER B 7 -13.42 -12.64 31.17
N ILE B 8 -13.74 -13.18 29.99
CA ILE B 8 -14.67 -12.49 29.09
C ILE B 8 -16.11 -12.68 29.55
N ASP B 9 -16.38 -13.74 30.32
CA ASP B 9 -17.75 -14.14 30.60
C ASP B 9 -18.46 -13.20 31.57
N ASP B 10 -17.72 -12.48 32.41
CA ASP B 10 -18.32 -11.53 33.33
C ASP B 10 -18.49 -10.14 32.74
N TYR B 11 -17.84 -9.85 31.62
CA TYR B 11 -17.98 -8.55 30.98
C TYR B 11 -19.38 -8.39 30.40
N SER B 12 -19.99 -7.23 30.61
CA SER B 12 -21.41 -7.04 30.34
C SER B 12 -21.72 -5.95 29.31
N LEU B 13 -20.73 -5.22 28.82
N LEU B 13 -20.73 -5.22 28.82
CA LEU B 13 -20.98 -4.14 27.86
CA LEU B 13 -20.94 -4.13 27.88
C LEU B 13 -20.53 -4.46 26.45
C LEU B 13 -20.52 -4.46 26.45
N VAL B 14 -19.84 -5.59 26.23
CA VAL B 14 -19.24 -5.87 24.93
C VAL B 14 -20.24 -5.93 23.78
N HIS B 15 -21.53 -6.11 24.05
CA HIS B 15 -22.53 -6.15 22.99
C HIS B 15 -23.17 -4.80 22.71
N LYS B 16 -22.73 -3.75 23.40
CA LYS B 16 -23.25 -2.41 23.16
C LYS B 16 -22.44 -1.70 22.07
N ASN B 17 -23.04 -0.65 21.51
CA ASN B 17 -22.32 0.27 20.62
C ASN B 17 -22.88 1.67 20.84
N ILE B 18 -22.05 2.67 20.57
CA ILE B 18 -22.41 4.04 20.89
C ILE B 18 -23.29 4.69 19.82
N LEU B 19 -23.38 4.12 18.63
CA LEU B 19 -24.29 4.64 17.61
C LEU B 19 -25.70 4.15 17.87
N HIS B 20 -26.67 4.84 17.25
N HIS B 20 -26.68 4.83 17.26
CA HIS B 20 -28.08 4.56 17.55
CA HIS B 20 -28.07 4.55 17.58
C HIS B 20 -28.51 3.19 17.04
C HIS B 20 -28.61 3.28 16.93
N SER B 21 -27.89 2.68 15.98
CA SER B 21 -28.34 1.42 15.41
C SER B 21 -27.16 0.64 14.86
N GLU B 22 -27.27 -0.69 14.93
CA GLU B 22 -26.28 -1.56 14.32
C GLU B 22 -26.32 -1.46 12.80
N ASP B 23 -27.48 -1.12 12.23
CA ASP B 23 -27.58 -0.93 10.78
C ASP B 23 -26.69 0.22 10.31
N LEU B 24 -26.62 1.30 11.08
CA LEU B 24 -25.82 2.44 10.67
C LEU B 24 -24.34 2.12 10.71
N LEU B 25 -23.89 1.41 11.76
CA LEU B 25 -22.51 0.97 11.81
C LEU B 25 -22.20 0.03 10.65
N LYS B 26 -23.09 -0.93 10.40
CA LYS B 26 -22.90 -1.85 9.27
C LYS B 26 -22.77 -1.09 7.96
N TYR B 27 -23.60 -0.07 7.75
CA TYR B 27 -23.50 0.73 6.53
C TYR B 27 -22.13 1.39 6.42
N ILE B 28 -21.66 2.01 7.50
CA ILE B 28 -20.36 2.68 7.49
C ILE B 28 -19.27 1.69 7.13
N LEU B 29 -19.26 0.53 7.79
CA LEU B 29 -18.22 -0.47 7.56
C LEU B 29 -18.25 -0.97 6.11
N GLU B 30 -19.43 -1.32 5.62
CA GLU B 30 -19.53 -1.93 4.30
C GLU B 30 -19.34 -0.90 3.19
N THR B 31 -19.81 0.33 3.40
CA THR B 31 -19.72 1.35 2.36
C THR B 31 -18.33 1.97 2.31
N SER B 32 -17.77 2.32 3.47
CA SER B 32 -16.63 3.21 3.55
C SER B 32 -15.37 2.60 4.16
N ALA B 33 -15.49 1.55 4.98
CA ALA B 33 -14.33 0.99 5.66
C ALA B 33 -13.77 -0.24 4.94
N TYR B 34 -14.57 -1.30 4.81
CA TYR B 34 -14.07 -2.51 4.18
C TYR B 34 -13.53 -2.28 2.76
N PRO B 35 -14.14 -1.47 1.90
CA PRO B 35 -13.54 -1.24 0.57
C PRO B 35 -12.15 -0.60 0.63
N ARG B 36 -11.79 0.08 1.71
CA ARG B 36 -10.51 0.75 1.84
C ARG B 36 -9.54 0.02 2.74
N GLU B 37 -9.90 -1.15 3.24
CA GLU B 37 -9.08 -1.89 4.19
C GLU B 37 -8.08 -2.78 3.47
N HIS B 38 -6.79 -2.58 3.76
CA HIS B 38 -5.73 -3.43 3.21
C HIS B 38 -6.07 -4.90 3.40
N GLU B 39 -5.70 -5.73 2.43
N GLU B 39 -5.72 -5.73 2.42
CA GLU B 39 -6.08 -7.14 2.48
CA GLU B 39 -6.07 -7.14 2.47
C GLU B 39 -5.47 -7.84 3.70
C GLU B 39 -5.49 -7.82 3.71
N GLN B 40 -4.29 -7.41 4.14
CA GLN B 40 -3.70 -8.01 5.33
C GLN B 40 -4.38 -7.53 6.61
N LEU B 41 -4.94 -6.32 6.61
CA LEU B 41 -5.78 -5.92 7.73
C LEU B 41 -7.05 -6.77 7.79
N LYS B 42 -7.69 -6.99 6.64
CA LYS B 42 -8.84 -7.87 6.58
C LYS B 42 -8.50 -9.25 7.14
N GLY B 43 -7.37 -9.81 6.70
CA GLY B 43 -6.98 -11.12 7.19
C GLY B 43 -6.74 -11.15 8.70
N LEU B 44 -5.93 -10.21 9.19
CA LEU B 44 -5.68 -10.13 10.63
C LEU B 44 -6.98 -9.93 11.40
N ARG B 45 -7.90 -9.11 10.87
CA ARG B 45 -9.18 -8.91 11.54
C ARG B 45 -9.98 -10.20 11.61
N GLU B 46 -10.08 -10.92 10.49
CA GLU B 46 -10.95 -12.10 10.44
C GLU B 46 -10.43 -13.22 11.34
N VAL B 47 -9.11 -13.39 11.47
CA VAL B 47 -8.60 -14.37 12.42
C VAL B 47 -8.87 -13.91 13.85
N THR B 48 -8.81 -12.60 14.11
CA THR B 48 -9.01 -12.11 15.47
C THR B 48 -10.47 -12.23 15.90
N GLU B 49 -11.40 -12.11 14.95
CA GLU B 49 -12.83 -12.24 15.27
C GLU B 49 -13.15 -13.60 15.88
N LYS B 50 -12.31 -14.61 15.63
CA LYS B 50 -12.49 -15.92 16.25
C LYS B 50 -11.92 -15.99 17.66
N HIS B 51 -11.13 -15.01 18.08
CA HIS B 51 -10.43 -15.08 19.36
C HIS B 51 -11.33 -14.63 20.49
N GLU B 52 -11.06 -15.16 21.69
CA GLU B 52 -11.90 -14.91 22.86
C GLU B 52 -12.02 -13.42 23.18
N TRP B 53 -10.98 -12.64 22.90
CA TRP B 53 -10.97 -11.22 23.20
C TRP B 53 -11.23 -10.37 21.97
N SER B 54 -11.99 -10.91 21.02
CA SER B 54 -12.32 -10.17 19.81
C SER B 54 -13.02 -8.85 20.12
N SER B 55 -13.66 -8.76 21.28
CA SER B 55 -14.33 -7.52 21.66
C SER B 55 -13.34 -6.36 21.85
N ALA B 56 -12.05 -6.65 21.99
CA ALA B 56 -11.03 -5.62 22.18
C ALA B 56 -10.51 -5.04 20.86
N LEU B 57 -10.85 -5.66 19.74
CA LEU B 57 -10.32 -5.26 18.44
C LEU B 57 -10.76 -3.85 18.07
N VAL B 58 -9.80 -3.03 17.61
CA VAL B 58 -10.11 -1.72 17.05
C VAL B 58 -10.90 -1.93 15.77
N PRO B 59 -12.09 -1.33 15.64
CA PRO B 59 -12.91 -1.58 14.44
C PRO B 59 -12.33 -0.90 13.21
N ALA B 60 -12.80 -1.35 12.04
CA ALA B 60 -12.19 -0.94 10.79
C ALA B 60 -12.45 0.53 10.46
N ASP B 61 -13.58 1.08 10.88
CA ASP B 61 -13.82 2.49 10.60
C ASP B 61 -12.91 3.37 11.45
N GLU B 62 -12.74 3.01 12.72
CA GLU B 62 -11.76 3.72 13.56
C GLU B 62 -10.35 3.59 12.98
N GLY B 63 -10.01 2.41 12.46
CA GLY B 63 -8.68 2.20 11.93
C GLY B 63 -8.35 3.16 10.79
N LEU B 64 -9.29 3.32 9.85
CA LEU B 64 -9.05 4.24 8.74
C LEU B 64 -8.98 5.68 9.21
N PHE B 65 -9.64 6.00 10.33
CA PHE B 65 -9.53 7.32 10.91
C PHE B 65 -8.14 7.55 11.50
N LEU B 66 -7.59 6.53 12.17
CA LEU B 66 -6.24 6.63 12.71
C LEU B 66 -5.23 6.79 11.58
N SER B 67 -5.39 6.04 10.50
N SER B 67 -5.38 6.05 10.49
CA SER B 67 -4.48 6.16 9.35
CA SER B 67 -4.45 6.19 9.37
C SER B 67 -4.55 7.56 8.75
C SER B 67 -4.54 7.58 8.76
N MET B 68 -5.75 8.12 8.63
CA MET B 68 -5.91 9.46 8.07
C MET B 68 -5.21 10.52 8.93
N LEU B 69 -5.35 10.43 10.25
CA LEU B 69 -4.67 11.38 11.13
C LEU B 69 -3.15 11.29 10.97
N LEU B 70 -2.62 10.07 10.97
CA LEU B 70 -1.18 9.88 10.80
C LEU B 70 -0.68 10.51 9.51
N LYS B 71 -1.42 10.35 8.41
CA LYS B 71 -0.95 10.90 7.14
C LYS B 71 -1.10 12.42 7.11
N LEU B 72 -2.21 12.95 7.60
CA LEU B 72 -2.41 14.39 7.57
C LEU B 72 -1.38 15.13 8.42
N MET B 73 -0.93 14.54 9.52
CA MET B 73 0.12 15.20 10.31
C MET B 73 1.52 14.79 9.89
N ASN B 74 1.66 13.93 8.87
CA ASN B 74 2.96 13.50 8.36
C ASN B 74 3.82 12.88 9.46
N ALA B 75 3.19 12.03 10.27
CA ALA B 75 3.89 11.37 11.36
C ALA B 75 4.96 10.43 10.81
N LYS B 76 6.06 10.30 11.57
CA LYS B 76 7.18 9.44 11.20
C LYS B 76 7.59 8.49 12.31
N ARG B 77 7.42 8.92 13.57
CA ARG B 77 7.84 8.15 14.73
C ARG B 77 6.69 8.10 15.72
N THR B 78 6.27 6.89 16.09
CA THR B 78 5.06 6.73 16.89
C THR B 78 5.26 5.68 17.98
N ILE B 79 4.35 5.72 18.97
CA ILE B 79 4.27 4.71 20.03
C ILE B 79 2.89 4.07 19.98
N GLU B 80 2.85 2.75 20.12
CA GLU B 80 1.62 1.97 20.15
C GLU B 80 1.59 1.22 21.47
N ILE B 81 0.64 1.55 22.34
CA ILE B 81 0.58 1.03 23.70
C ILE B 81 -0.69 0.20 23.83
N GLY B 82 -0.53 -1.13 23.82
CA GLY B 82 -1.66 -2.03 23.73
C GLY B 82 -1.86 -2.50 22.31
N VAL B 83 -1.20 -3.60 21.97
CA VAL B 83 -1.10 -4.06 20.58
C VAL B 83 -2.11 -5.16 20.27
N TYR B 84 -2.33 -6.09 21.20
CA TYR B 84 -3.23 -7.25 21.01
C TYR B 84 -2.76 -7.99 19.75
N THR B 85 -3.66 -8.36 18.82
CA THR B 85 -3.24 -9.07 17.62
C THR B 85 -2.62 -8.14 16.58
N GLY B 86 -2.70 -6.82 16.77
CA GLY B 86 -1.95 -5.88 15.97
C GLY B 86 -2.72 -5.08 14.93
N TYR B 87 -4.05 -4.98 15.04
CA TYR B 87 -4.81 -4.29 14.00
C TYR B 87 -4.43 -2.81 13.92
N SER B 88 -4.44 -2.11 15.06
CA SER B 88 -4.08 -0.70 15.02
C SER B 88 -2.60 -0.54 14.67
N LEU B 89 -1.76 -1.49 15.09
CA LEU B 89 -0.33 -1.42 14.79
C LEU B 89 -0.05 -1.61 13.31
N LEU B 90 -0.72 -2.57 12.67
CA LEU B 90 -0.57 -2.73 11.23
C LEU B 90 -1.12 -1.51 10.50
N THR B 91 -2.22 -0.93 11.02
CA THR B 91 -2.76 0.30 10.43
C THR B 91 -1.72 1.42 10.45
N THR B 92 -1.04 1.57 11.59
CA THR B 92 0.00 2.61 11.71
C THR B 92 1.16 2.34 10.77
N ALA B 93 1.64 1.09 10.73
CA ALA B 93 2.80 0.75 9.90
C ALA B 93 2.50 0.96 8.42
N LEU B 94 1.26 0.68 7.98
CA LEU B 94 0.90 0.91 6.60
C LEU B 94 0.77 2.39 6.27
N ALA B 95 0.39 3.20 7.26
CA ALA B 95 0.20 4.62 7.00
C ALA B 95 1.51 5.39 6.98
N LEU B 96 2.48 4.99 7.80
CA LEU B 96 3.74 5.69 7.88
C LEU B 96 4.54 5.53 6.58
N PRO B 97 5.46 6.46 6.31
CA PRO B 97 6.34 6.28 5.13
C PRO B 97 7.27 5.09 5.31
N GLU B 98 8.05 4.78 4.25
CA GLU B 98 8.90 3.60 4.28
C GLU B 98 9.89 3.64 5.44
N ASP B 99 10.37 4.82 5.81
CA ASP B 99 11.35 4.97 6.88
C ASP B 99 10.73 5.26 8.24
N GLY B 100 9.41 5.06 8.38
CA GLY B 100 8.78 5.29 9.67
C GLY B 100 9.18 4.24 10.70
N LYS B 101 9.08 4.63 11.97
CA LYS B 101 9.49 3.78 13.09
C LYS B 101 8.43 3.80 14.18
N ILE B 102 8.14 2.62 14.72
CA ILE B 102 7.10 2.43 15.72
C ILE B 102 7.68 1.66 16.89
N THR B 103 7.50 2.18 18.10
CA THR B 103 7.73 1.43 19.32
C THR B 103 6.38 0.88 19.79
N ALA B 104 6.25 -0.44 19.82
CA ALA B 104 5.02 -1.12 20.19
C ALA B 104 5.23 -1.87 21.49
N ILE B 105 4.31 -1.69 22.44
CA ILE B 105 4.44 -2.23 23.78
C ILE B 105 3.17 -3.01 24.13
N ASP B 106 3.34 -4.24 24.61
CA ASP B 106 2.24 -5.07 25.09
C ASP B 106 2.81 -6.10 26.05
N VAL B 107 2.04 -6.44 27.09
CA VAL B 107 2.51 -7.44 28.05
C VAL B 107 2.49 -8.83 27.47
N ASN B 108 1.73 -9.08 26.40
CA ASN B 108 1.48 -10.42 25.90
C ASN B 108 1.91 -10.51 24.44
N LYS B 109 3.10 -11.09 24.21
CA LYS B 109 3.61 -11.23 22.85
C LYS B 109 2.90 -12.33 22.08
N SER B 110 2.24 -13.27 22.77
CA SER B 110 1.53 -14.33 22.06
C SER B 110 0.36 -13.76 21.26
N TYR B 111 -0.32 -12.75 21.81
CA TYR B 111 -1.34 -12.03 21.04
C TYR B 111 -0.73 -11.43 19.78
N TYR B 112 0.43 -10.79 19.91
CA TYR B 112 1.07 -10.15 18.77
C TYR B 112 1.43 -11.16 17.68
N GLU B 113 1.81 -12.37 18.07
CA GLU B 113 2.21 -13.38 17.08
C GLU B 113 1.05 -13.89 16.25
N ILE B 114 -0.19 -13.70 16.71
CA ILE B 114 -1.34 -14.03 15.87
C ILE B 114 -1.38 -13.15 14.64
N GLY B 115 -1.13 -11.85 14.82
CA GLY B 115 -1.14 -10.93 13.71
C GLY B 115 0.17 -10.80 12.96
N LEU B 116 1.27 -11.26 13.58
CA LEU B 116 2.58 -11.11 12.96
C LEU B 116 2.68 -11.65 11.54
N PRO B 117 2.14 -12.83 11.19
CA PRO B 117 2.18 -13.26 9.78
C PRO B 117 1.57 -12.26 8.82
N PHE B 118 0.47 -11.61 9.22
CA PHE B 118 -0.16 -10.64 8.34
C PHE B 118 0.68 -9.38 8.22
N ILE B 119 1.27 -8.93 9.33
CA ILE B 119 2.17 -7.78 9.28
C ILE B 119 3.37 -8.09 8.39
N GLN B 120 3.92 -9.30 8.51
CA GLN B 120 5.04 -9.70 7.66
C GLN B 120 4.63 -9.73 6.19
N LYS B 121 3.49 -10.37 5.89
CA LYS B 121 3.03 -10.43 4.50
C LYS B 121 2.74 -9.04 3.93
N ALA B 122 2.30 -8.11 4.78
CA ALA B 122 2.13 -6.72 4.37
C ALA B 122 3.46 -6.03 4.11
N GLY B 123 4.57 -6.61 4.57
CA GLY B 123 5.88 -6.07 4.29
C GLY B 123 6.26 -4.83 5.06
N VAL B 124 5.80 -4.69 6.30
CA VAL B 124 6.10 -3.50 7.08
C VAL B 124 6.58 -3.85 8.48
N GLU B 125 6.93 -5.11 8.72
CA GLU B 125 7.41 -5.51 10.03
C GLU B 125 8.72 -4.80 10.38
N HIS B 126 9.48 -4.39 9.36
CA HIS B 126 10.76 -3.73 9.59
C HIS B 126 10.62 -2.39 10.30
N LYS B 127 9.43 -1.80 10.28
CA LYS B 127 9.20 -0.53 10.95
C LYS B 127 8.97 -0.69 12.45
N ILE B 128 8.77 -1.91 12.95
CA ILE B 128 8.21 -2.14 14.27
C ILE B 128 9.29 -2.67 15.21
N ASN B 129 9.40 -2.03 16.39
CA ASN B 129 10.21 -2.54 17.50
C ASN B 129 9.24 -2.92 18.61
N PHE B 130 8.96 -4.22 18.74
CA PHE B 130 8.00 -4.72 19.71
C PHE B 130 8.69 -5.03 21.03
N ILE B 131 8.13 -4.52 22.12
CA ILE B 131 8.67 -4.72 23.46
C ILE B 131 7.60 -5.43 24.30
N GLU B 132 7.92 -6.63 24.77
CA GLU B 132 7.00 -7.39 25.62
C GLU B 132 7.24 -6.99 27.07
N SER B 133 6.35 -6.17 27.61
CA SER B 133 6.50 -5.65 28.96
C SER B 133 5.24 -4.88 29.32
N GLU B 134 5.01 -4.71 30.63
CA GLU B 134 4.09 -3.67 31.05
C GLU B 134 4.61 -2.33 30.56
N ALA B 135 3.66 -1.43 30.24
CA ALA B 135 4.03 -0.22 29.51
C ALA B 135 4.69 0.82 30.41
N LEU B 136 4.21 0.98 31.64
CA LEU B 136 4.73 2.05 32.50
C LEU B 136 6.24 1.98 32.69
N PRO B 137 6.86 0.84 33.05
CA PRO B 137 8.32 0.82 33.19
C PRO B 137 9.04 1.19 31.89
N VAL B 138 8.50 0.77 30.74
CA VAL B 138 9.14 1.09 29.46
C VAL B 138 9.08 2.59 29.20
N LEU B 139 7.91 3.21 29.47
CA LEU B 139 7.79 4.65 29.26
C LEU B 139 8.72 5.42 30.19
N ASP B 140 8.88 4.95 31.43
CA ASP B 140 9.75 5.65 32.37
C ASP B 140 11.21 5.59 31.92
N GLN B 141 11.64 4.46 31.34
CA GLN B 141 13.01 4.38 30.85
C GLN B 141 13.19 5.22 29.59
N MET B 142 12.17 5.27 28.74
CA MET B 142 12.22 6.16 27.58
C MET B 142 12.42 7.61 28.02
N LEU B 143 11.77 7.99 29.13
CA LEU B 143 11.95 9.34 29.64
C LEU B 143 13.39 9.59 30.10
N GLU B 144 14.05 8.56 30.64
CA GLU B 144 15.44 8.73 31.07
C GLU B 144 16.38 8.87 29.88
N GLU B 145 16.07 8.22 28.75
CA GLU B 145 16.99 8.15 27.62
C GLU B 145 16.63 9.10 26.49
N MET B 146 15.42 9.68 26.49
CA MET B 146 14.94 10.46 25.36
C MET B 146 15.71 11.77 25.22
N LYS B 147 16.06 12.11 23.99
CA LYS B 147 16.57 13.42 23.64
C LYS B 147 15.53 14.16 22.80
N GLU B 148 15.72 15.48 22.67
CA GLU B 148 14.71 16.32 22.03
C GLU B 148 14.45 15.89 20.59
N GLU B 149 15.48 15.41 19.88
CA GLU B 149 15.31 15.05 18.48
C GLU B 149 14.52 13.77 18.28
N ASP B 150 14.44 12.91 19.30
CA ASP B 150 13.83 11.60 19.16
C ASP B 150 12.39 11.57 19.65
N LEU B 151 11.80 12.71 20.00
CA LEU B 151 10.43 12.74 20.48
C LEU B 151 9.48 12.16 19.43
N TYR B 152 8.37 11.61 19.90
CA TYR B 152 7.42 10.94 19.04
C TYR B 152 6.40 11.92 18.47
N ASP B 153 5.97 11.64 17.23
CA ASP B 153 4.91 12.44 16.63
C ASP B 153 3.53 12.04 17.12
N TYR B 154 3.35 10.79 17.54
CA TYR B 154 2.02 10.25 17.73
C TYR B 154 2.08 9.04 18.66
N ALA B 155 1.09 8.94 19.56
CA ALA B 155 0.98 7.79 20.43
C ALA B 155 -0.47 7.34 20.46
N PHE B 156 -0.69 6.03 20.40
CA PHE B 156 -2.02 5.44 20.50
C PHE B 156 -2.07 4.61 21.77
N VAL B 157 -3.01 4.93 22.66
CA VAL B 157 -3.08 4.33 23.99
C VAL B 157 -4.33 3.46 24.05
N ASP B 158 -4.11 2.16 24.23
CA ASP B 158 -5.19 1.18 24.15
C ASP B 158 -4.83 -0.04 24.99
N ALA B 159 -4.28 0.17 26.18
CA ALA B 159 -3.89 -0.94 27.03
C ALA B 159 -4.78 -1.12 28.24
N ASP B 160 -4.15 -1.16 29.42
CA ASP B 160 -4.88 -1.31 30.67
C ASP B 160 -5.65 -0.03 30.96
N LYS B 161 -6.97 -0.15 31.02
CA LYS B 161 -7.83 1.02 31.04
C LYS B 161 -7.65 1.84 32.32
N SER B 162 -7.48 1.17 33.46
CA SER B 162 -7.37 1.89 34.72
C SER B 162 -6.06 2.66 34.85
N ASN B 163 -5.13 2.52 33.91
CA ASN B 163 -3.83 3.16 33.99
C ASN B 163 -3.64 4.30 32.99
N TYR B 164 -4.70 4.74 32.30
CA TYR B 164 -4.54 5.78 31.28
C TYR B 164 -3.98 7.06 31.89
N ALA B 165 -4.46 7.45 33.07
CA ALA B 165 -3.97 8.69 33.68
C ALA B 165 -2.47 8.62 33.92
N ASN B 166 -1.96 7.45 34.32
CA ASN B 166 -0.52 7.29 34.51
C ASN B 166 0.24 7.36 33.19
N TYR B 167 -0.31 6.75 32.13
CA TYR B 167 0.34 6.83 30.83
C TYR B 167 0.43 8.28 30.36
N HIS B 168 -0.64 9.05 30.57
CA HIS B 168 -0.70 10.44 30.13
C HIS B 168 0.44 11.27 30.70
N GLU B 169 0.78 11.06 31.97
CA GLU B 169 1.82 11.87 32.60
C GLU B 169 3.18 11.60 31.97
N ARG B 170 3.39 10.41 31.42
CA ARG B 170 4.63 10.16 30.68
C ARG B 170 4.54 10.69 29.26
N LEU B 171 3.39 10.50 28.62
CA LEU B 171 3.30 10.75 27.18
C LEU B 171 3.30 12.24 26.86
N VAL B 172 2.85 13.09 27.79
CA VAL B 172 2.98 14.52 27.54
C VAL B 172 4.42 14.98 27.50
N LYS B 173 5.38 14.13 27.91
CA LYS B 173 6.80 14.43 27.76
C LYS B 173 7.46 13.66 26.64
N LEU B 174 6.85 12.57 26.18
CA LEU B 174 7.48 11.72 25.16
C LEU B 174 7.06 12.08 23.75
N VAL B 175 5.91 12.73 23.57
CA VAL B 175 5.45 13.20 22.27
C VAL B 175 5.87 14.66 22.10
N ARG B 176 6.25 15.03 20.89
CA ARG B 176 6.68 16.39 20.61
C ARG B 176 5.55 17.39 20.83
N ILE B 177 5.95 18.66 20.99
CA ILE B 177 4.97 19.74 20.95
C ILE B 177 4.31 19.76 19.59
N GLY B 178 2.98 19.89 19.58
CA GLY B 178 2.21 19.73 18.36
C GLY B 178 1.92 18.30 17.99
N GLY B 179 2.53 17.33 18.67
CA GLY B 179 2.24 15.93 18.42
C GLY B 179 0.96 15.48 19.10
N ALA B 180 0.56 14.24 18.79
CA ALA B 180 -0.76 13.73 19.14
C ALA B 180 -0.68 12.56 20.10
N ILE B 181 -1.59 12.56 21.08
CA ILE B 181 -1.82 11.41 21.95
C ILE B 181 -3.30 11.02 21.82
N LEU B 182 -3.56 9.78 21.43
CA LEU B 182 -4.93 9.29 21.24
C LEU B 182 -5.23 8.23 22.29
N TYR B 183 -6.36 8.38 22.98
CA TYR B 183 -6.83 7.43 23.98
C TYR B 183 -8.05 6.69 23.45
N ASP B 184 -7.97 5.37 23.41
CA ASP B 184 -9.07 4.55 22.93
C ASP B 184 -10.05 4.25 24.06
N ASN B 185 -11.32 4.06 23.68
CA ASN B 185 -12.40 3.60 24.57
C ASN B 185 -12.87 4.66 25.56
N THR B 186 -12.67 5.95 25.28
CA THR B 186 -13.00 6.93 26.31
C THR B 186 -14.50 7.12 26.53
N LEU B 187 -15.35 6.51 25.72
CA LEU B 187 -16.78 6.52 25.97
C LEU B 187 -17.28 5.24 26.62
N TRP B 188 -16.44 4.21 26.69
CA TRP B 188 -16.70 2.93 27.38
C TRP B 188 -18.14 2.48 27.19
N TYR B 189 -18.49 2.29 25.91
CA TYR B 189 -19.80 1.75 25.52
C TYR B 189 -20.95 2.63 25.99
N GLY B 190 -20.68 3.94 26.13
CA GLY B 190 -21.66 4.87 26.61
C GLY B 190 -21.87 4.89 28.11
N SER B 191 -21.22 3.98 28.84
CA SER B 191 -21.50 3.86 30.27
C SER B 191 -20.90 4.98 31.08
N VAL B 192 -20.00 5.78 30.48
CA VAL B 192 -19.46 6.96 31.15
C VAL B 192 -20.48 8.08 31.29
N ALA B 193 -21.63 7.98 30.63
CA ALA B 193 -22.58 9.10 30.61
C ALA B 193 -23.25 9.35 31.95
N TYR B 194 -23.15 8.42 32.91
CA TYR B 194 -23.81 8.57 34.21
C TYR B 194 -22.83 8.39 35.36
N PRO B 195 -23.02 9.13 36.46
CA PRO B 195 -22.20 8.87 37.65
C PRO B 195 -22.32 7.44 38.14
N GLU B 196 -23.52 6.89 38.18
CA GLU B 196 -23.77 5.51 38.59
C GLU B 196 -24.32 4.73 37.40
N TYR B 197 -23.98 3.45 37.34
CA TYR B 197 -24.34 2.61 36.21
C TYR B 197 -24.58 1.22 36.75
N PRO B 198 -25.65 0.53 36.34
CA PRO B 198 -25.98 -0.75 36.96
C PRO B 198 -25.24 -1.94 36.37
N GLY B 199 -24.84 -2.86 37.25
CA GLY B 199 -24.63 -4.25 36.90
C GLY B 199 -23.33 -4.61 36.21
N LEU B 200 -22.30 -3.79 36.29
CA LEU B 200 -21.05 -4.10 35.63
C LEU B 200 -20.17 -4.98 36.51
N HIS B 201 -19.34 -5.80 35.86
CA HIS B 201 -18.29 -6.50 36.58
C HIS B 201 -17.35 -5.50 37.24
N PRO B 202 -16.76 -5.84 38.39
CA PRO B 202 -15.85 -4.88 39.06
C PRO B 202 -14.75 -4.32 38.16
N GLU B 203 -14.18 -5.13 37.26
CA GLU B 203 -13.17 -4.61 36.35
C GLU B 203 -13.76 -3.61 35.36
N GLU B 204 -14.95 -3.90 34.84
CA GLU B 204 -15.61 -2.94 33.95
C GLU B 204 -15.97 -1.66 34.70
N GLU B 205 -16.41 -1.78 35.95
CA GLU B 205 -16.76 -0.60 36.71
C GLU B 205 -15.54 0.24 37.04
N VAL B 206 -14.41 -0.41 37.36
CA VAL B 206 -13.17 0.32 37.59
C VAL B 206 -12.77 1.10 36.34
N ALA B 207 -12.89 0.46 35.17
CA ALA B 207 -12.57 1.16 33.92
C ALA B 207 -13.52 2.32 33.67
N ARG B 208 -14.81 2.11 33.94
CA ARG B 208 -15.80 3.17 33.73
C ARG B 208 -15.46 4.41 34.57
N LEU B 209 -15.17 4.20 35.86
CA LEU B 209 -14.83 5.33 36.72
C LEU B 209 -13.52 5.97 36.28
N SER B 210 -12.55 5.14 35.89
CA SER B 210 -11.29 5.66 35.35
C SER B 210 -11.54 6.61 34.17
N PHE B 211 -12.44 6.22 33.26
CA PHE B 211 -12.66 7.04 32.08
C PHE B 211 -13.42 8.32 32.41
N ARG B 212 -14.37 8.27 33.35
CA ARG B 212 -15.03 9.49 33.77
C ARG B 212 -14.04 10.47 34.38
N ASN B 213 -13.11 9.96 35.20
CA ASN B 213 -12.08 10.83 35.77
C ASN B 213 -11.13 11.35 34.69
N LEU B 214 -10.78 10.50 33.72
CA LEU B 214 -9.86 10.91 32.67
C LEU B 214 -10.48 11.98 31.76
N ASN B 215 -11.71 11.76 31.31
CA ASN B 215 -12.36 12.73 30.44
C ASN B 215 -12.44 14.10 31.12
N THR B 216 -12.81 14.14 32.40
CA THR B 216 -12.85 15.40 33.12
C THR B 216 -11.46 16.00 33.25
N PHE B 217 -10.47 15.17 33.53
CA PHE B 217 -9.10 15.66 33.68
C PHE B 217 -8.57 16.21 32.36
N LEU B 218 -8.72 15.45 31.27
CA LEU B 218 -8.16 15.88 29.99
C LEU B 218 -8.81 17.19 29.53
N ALA B 219 -10.11 17.36 29.83
CA ALA B 219 -10.78 18.60 29.47
C ALA B 219 -10.23 19.80 30.23
N ALA B 220 -9.61 19.60 31.39
CA ALA B 220 -9.06 20.69 32.18
C ALA B 220 -7.55 20.81 32.10
N ASP B 221 -6.87 19.91 31.38
CA ASP B 221 -5.41 19.85 31.33
C ASP B 221 -4.88 20.94 30.41
N PRO B 222 -4.18 21.95 30.94
CA PRO B 222 -3.68 23.04 30.08
C PRO B 222 -2.53 22.64 29.19
N ARG B 223 -1.94 21.45 29.39
CA ARG B 223 -0.83 21.00 28.57
C ARG B 223 -1.25 20.56 27.17
N VAL B 224 -2.55 20.35 26.93
CA VAL B 224 -3.02 19.82 25.66
C VAL B 224 -4.29 20.54 25.23
N GLU B 225 -4.54 20.51 23.92
CA GLU B 225 -5.86 20.68 23.35
C GLU B 225 -6.43 19.29 23.08
N ILE B 226 -7.77 19.19 23.14
CA ILE B 226 -8.42 17.88 23.05
C ILE B 226 -9.56 17.93 22.04
N SER B 227 -9.93 16.74 21.57
CA SER B 227 -11.14 16.54 20.78
C SER B 227 -11.61 15.11 21.06
N GLN B 228 -12.73 14.96 21.76
CA GLN B 228 -13.33 13.64 21.97
C GLN B 228 -14.23 13.33 20.77
N VAL B 229 -13.95 12.21 20.11
CA VAL B 229 -14.58 11.85 18.85
C VAL B 229 -15.42 10.59 19.07
N SER B 230 -16.70 10.65 18.69
CA SER B 230 -17.63 9.53 18.88
C SER B 230 -17.48 8.50 17.76
N ILE B 231 -16.27 7.97 17.62
CA ILE B 231 -15.99 6.90 16.66
C ILE B 231 -15.49 5.68 17.43
N GLY B 232 -15.85 4.50 16.93
CA GLY B 232 -15.52 3.26 17.62
C GLY B 232 -16.18 3.18 18.98
N ASP B 233 -15.37 3.19 20.05
CA ASP B 233 -15.86 3.32 21.41
C ASP B 233 -15.45 4.66 22.01
N GLY B 234 -15.33 5.68 21.17
CA GLY B 234 -14.83 6.96 21.62
C GLY B 234 -13.32 7.02 21.56
N VAL B 235 -12.78 8.02 20.89
CA VAL B 235 -11.36 8.29 20.85
C VAL B 235 -11.15 9.74 21.23
N THR B 236 -10.28 9.99 22.20
CA THR B 236 -9.93 11.36 22.55
C THR B 236 -8.55 11.67 21.98
N ILE B 237 -8.50 12.67 21.10
CA ILE B 237 -7.26 13.15 20.51
C ILE B 237 -6.75 14.29 21.37
N CYS B 238 -5.49 14.18 21.82
CA CYS B 238 -4.82 15.26 22.53
C CYS B 238 -3.66 15.75 21.68
N ARG B 239 -3.48 17.06 21.66
CA ARG B 239 -2.38 17.70 20.95
C ARG B 239 -1.56 18.48 21.96
N ARG B 240 -0.26 18.20 22.01
CA ARG B 240 0.59 18.78 23.05
C ARG B 240 0.88 20.25 22.75
N LEU B 241 0.57 21.11 23.73
CA LEU B 241 0.73 22.56 23.57
C LEU B 241 2.10 23.05 24.00
N TYR B 242 2.66 22.46 25.05
CA TYR B 242 3.94 22.87 25.59
C TYR B 242 4.49 21.74 26.46
N GLY C 1 11.19 -28.26 -13.05
CA GLY C 1 11.32 -27.22 -12.03
C GLY C 1 11.56 -25.84 -12.60
N PRO C 2 12.32 -24.99 -11.87
CA PRO C 2 12.58 -23.63 -12.34
C PRO C 2 13.14 -23.58 -13.75
N GLY C 3 12.34 -23.02 -14.65
CA GLY C 3 12.69 -22.88 -16.05
C GLY C 3 11.65 -22.01 -16.74
N MET C 4 12.10 -21.13 -17.63
CA MET C 4 11.24 -20.07 -18.16
C MET C 4 9.98 -20.65 -18.78
N GLY C 5 8.83 -20.15 -18.32
CA GLY C 5 7.53 -20.59 -18.80
C GLY C 5 6.87 -21.58 -17.88
N ALA C 6 7.66 -22.45 -17.25
CA ALA C 6 7.10 -23.52 -16.42
C ALA C 6 6.30 -22.94 -15.26
N SER C 7 5.11 -23.48 -15.06
CA SER C 7 4.17 -23.01 -14.04
C SER C 7 4.24 -23.91 -12.81
N ILE C 8 4.33 -23.29 -11.62
CA ILE C 8 4.42 -24.07 -10.39
C ILE C 8 3.12 -24.81 -10.11
N ASP C 9 1.99 -24.29 -10.60
CA ASP C 9 0.70 -24.92 -10.35
C ASP C 9 0.54 -26.26 -11.06
N ASP C 10 1.48 -26.62 -11.93
CA ASP C 10 1.51 -27.94 -12.54
C ASP C 10 2.25 -28.97 -11.68
N TYR C 11 2.85 -28.56 -10.58
CA TYR C 11 3.70 -29.43 -9.78
C TYR C 11 3.07 -29.70 -8.41
N SER C 12 3.35 -30.88 -7.88
N SER C 12 3.36 -30.88 -7.86
CA SER C 12 2.79 -31.32 -6.60
CA SER C 12 2.78 -31.31 -6.60
C SER C 12 3.68 -31.00 -5.42
C SER C 12 3.68 -31.03 -5.40
N LEU C 13 4.99 -30.97 -5.62
CA LEU C 13 5.96 -30.78 -4.56
C LEU C 13 6.40 -29.32 -4.55
N VAL C 14 5.96 -28.56 -3.55
CA VAL C 14 6.17 -27.12 -3.55
C VAL C 14 6.94 -26.69 -2.30
N HIS C 15 6.27 -26.66 -1.16
CA HIS C 15 6.85 -26.07 0.06
C HIS C 15 7.65 -27.11 0.83
N LYS C 16 8.94 -26.85 1.00
CA LYS C 16 9.82 -27.80 1.67
C LYS C 16 9.61 -27.77 3.18
N ASN C 17 9.33 -28.95 3.76
CA ASN C 17 9.28 -29.16 5.20
C ASN C 17 9.13 -30.65 5.45
N ILE C 18 10.19 -31.29 5.97
CA ILE C 18 10.14 -32.70 6.32
C ILE C 18 9.99 -32.90 7.81
N LEU C 19 9.78 -31.83 8.56
CA LEU C 19 9.58 -31.91 10.00
C LEU C 19 8.11 -32.19 10.30
N HIS C 20 7.81 -32.53 11.56
CA HIS C 20 6.48 -33.06 11.82
C HIS C 20 5.40 -31.98 11.93
N SER C 21 5.74 -30.71 11.81
CA SER C 21 4.73 -29.66 11.81
C SER C 21 5.30 -28.39 11.23
N GLU C 22 4.40 -27.54 10.71
CA GLU C 22 4.81 -26.21 10.29
C GLU C 22 5.33 -25.40 11.47
N ASP C 23 4.70 -25.55 12.64
CA ASP C 23 5.12 -24.79 13.82
C ASP C 23 6.56 -25.12 14.22
N LEU C 24 6.99 -26.37 14.04
CA LEU C 24 8.36 -26.72 14.42
C LEU C 24 9.37 -26.05 13.48
N LEU C 25 9.10 -26.07 12.17
CA LEU C 25 9.98 -25.39 11.23
C LEU C 25 9.97 -23.88 11.46
N LYS C 26 8.78 -23.32 11.67
CA LYS C 26 8.69 -21.89 11.97
C LYS C 26 9.47 -21.54 13.23
N TYR C 27 9.47 -22.43 14.23
CA TYR C 27 10.24 -22.19 15.44
C TYR C 27 11.72 -22.07 15.12
N ILE C 28 12.25 -23.00 14.33
CA ILE C 28 13.67 -22.98 13.99
C ILE C 28 14.03 -21.70 13.25
N LEU C 29 13.22 -21.35 12.23
CA LEU C 29 13.53 -20.19 11.40
C LEU C 29 13.52 -18.91 12.21
N GLU C 30 12.50 -18.72 13.05
CA GLU C 30 12.35 -17.47 13.80
C GLU C 30 13.30 -17.40 14.99
N THR C 31 13.65 -18.53 15.59
CA THR C 31 14.53 -18.54 16.75
C THR C 31 16.00 -18.51 16.37
N SER C 32 16.39 -19.31 15.38
CA SER C 32 17.80 -19.59 15.11
C SER C 32 18.28 -19.13 13.74
N ALA C 33 17.39 -18.93 12.77
CA ALA C 33 17.83 -18.64 11.41
C ALA C 33 17.72 -17.16 11.07
N TYR C 34 16.50 -16.63 11.03
CA TYR C 34 16.30 -15.22 10.69
C TYR C 34 17.14 -14.26 11.54
N PRO C 35 17.30 -14.45 12.87
CA PRO C 35 18.16 -13.52 13.62
C PRO C 35 19.62 -13.55 13.18
N ARG C 36 20.06 -14.62 12.51
CA ARG C 36 21.45 -14.76 12.08
C ARG C 36 21.60 -14.57 10.58
N GLU C 37 20.54 -14.17 9.89
CA GLU C 37 20.55 -14.05 8.44
C GLU C 37 21.00 -12.65 8.03
N HIS C 38 22.03 -12.60 7.17
CA HIS C 38 22.56 -11.33 6.69
C HIS C 38 21.45 -10.48 6.06
N GLU C 39 21.54 -9.16 6.24
CA GLU C 39 20.47 -8.28 5.77
C GLU C 39 20.26 -8.39 4.27
N GLN C 40 21.31 -8.66 3.50
CA GLN C 40 21.14 -8.80 2.06
C GLN C 40 20.59 -10.17 1.69
N LEU C 41 20.85 -11.20 2.50
CA LEU C 41 20.16 -12.48 2.32
C LEU C 41 18.67 -12.32 2.60
N LYS C 42 18.32 -11.56 3.64
CA LYS C 42 16.92 -11.27 3.91
C LYS C 42 16.27 -10.57 2.72
N GLY C 43 16.93 -9.53 2.20
CA GLY C 43 16.41 -8.82 1.05
C GLY C 43 16.29 -9.70 -0.19
N LEU C 44 17.29 -10.55 -0.43
CA LEU C 44 17.22 -11.45 -1.58
C LEU C 44 16.08 -12.45 -1.40
N ARG C 45 15.94 -13.02 -0.19
CA ARG C 45 14.88 -13.97 0.07
C ARG C 45 13.50 -13.34 -0.13
N GLU C 46 13.31 -12.11 0.36
CA GLU C 46 11.98 -11.52 0.35
C GLU C 46 11.55 -11.09 -1.04
N VAL C 47 12.48 -10.66 -1.89
CA VAL C 47 12.08 -10.35 -3.25
C VAL C 47 11.83 -11.63 -4.03
N THR C 48 12.56 -12.70 -3.71
CA THR C 48 12.34 -13.97 -4.40
C THR C 48 10.99 -14.57 -4.04
N GLU C 49 10.53 -14.36 -2.80
CA GLU C 49 9.27 -14.92 -2.35
C GLU C 49 8.09 -14.54 -3.25
N LYS C 50 8.19 -13.42 -3.96
CA LYS C 50 7.17 -12.98 -4.88
C LYS C 50 7.33 -13.59 -6.27
N HIS C 51 8.39 -14.34 -6.52
CA HIS C 51 8.61 -14.95 -7.82
C HIS C 51 7.86 -16.27 -7.93
N GLU C 52 7.53 -16.64 -9.17
CA GLU C 52 6.73 -17.85 -9.41
C GLU C 52 7.37 -19.08 -8.80
N TRP C 53 8.71 -19.19 -8.87
CA TRP C 53 9.43 -20.36 -8.40
C TRP C 53 10.04 -20.16 -7.01
N SER C 54 9.40 -19.37 -6.16
CA SER C 54 9.95 -19.10 -4.84
C SER C 54 10.11 -20.34 -3.98
N SER C 55 9.40 -21.43 -4.31
CA SER C 55 9.55 -22.65 -3.54
C SER C 55 10.88 -23.34 -3.79
N ALA C 56 11.61 -22.95 -4.84
CA ALA C 56 12.91 -23.54 -5.11
C ALA C 56 13.98 -23.01 -4.15
N LEU C 57 13.67 -21.93 -3.44
CA LEU C 57 14.61 -21.25 -2.56
C LEU C 57 15.19 -22.20 -1.52
N VAL C 58 16.51 -22.17 -1.36
CA VAL C 58 17.14 -22.86 -0.23
C VAL C 58 16.68 -22.19 1.06
N PRO C 59 16.09 -22.93 2.00
CA PRO C 59 15.56 -22.30 3.22
C PRO C 59 16.66 -21.71 4.10
N ALA C 60 16.24 -20.77 4.94
CA ALA C 60 17.20 -20.01 5.73
C ALA C 60 17.93 -20.88 6.75
N ASP C 61 17.29 -21.93 7.27
CA ASP C 61 18.00 -22.78 8.22
C ASP C 61 19.04 -23.64 7.50
N GLU C 62 18.70 -24.17 6.32
CA GLU C 62 19.71 -24.86 5.52
C GLU C 62 20.84 -23.91 5.13
N GLY C 63 20.51 -22.66 4.81
CA GLY C 63 21.56 -21.71 4.42
C GLY C 63 22.61 -21.51 5.50
N LEU C 64 22.18 -21.37 6.76
N LEU C 64 22.16 -21.32 6.75
CA LEU C 64 23.15 -21.21 7.83
CA LEU C 64 23.08 -21.16 7.87
C LEU C 64 23.94 -22.47 8.08
C LEU C 64 23.95 -22.39 8.06
N PHE C 65 23.38 -23.63 7.73
N PHE C 65 23.40 -23.57 7.78
CA PHE C 65 24.09 -24.90 7.83
CA PHE C 65 24.18 -24.79 7.88
C PHE C 65 25.19 -24.99 6.78
C PHE C 65 25.26 -24.85 6.82
N LEU C 66 24.92 -24.51 5.57
CA LEU C 66 25.94 -24.44 4.52
C LEU C 66 27.06 -23.48 4.92
N SER C 67 26.69 -22.29 5.43
CA SER C 67 27.67 -21.32 5.88
C SER C 67 28.60 -21.90 6.94
N MET C 68 28.03 -22.63 7.92
CA MET C 68 28.83 -23.20 8.99
C MET C 68 29.82 -24.23 8.47
N LEU C 69 29.38 -25.10 7.56
N LEU C 69 29.38 -25.08 7.54
CA LEU C 69 30.29 -26.07 6.96
CA LEU C 69 30.27 -26.08 6.95
C LEU C 69 31.45 -25.38 6.25
C LEU C 69 31.44 -25.40 6.23
N LEU C 70 31.14 -24.36 5.44
CA LEU C 70 32.17 -23.66 4.70
C LEU C 70 33.23 -23.06 5.63
N LYS C 71 32.78 -22.42 6.70
CA LYS C 71 33.72 -21.78 7.61
C LYS C 71 34.52 -22.80 8.41
N LEU C 72 33.86 -23.87 8.87
CA LEU C 72 34.55 -24.89 9.65
C LEU C 72 35.65 -25.57 8.84
N MET C 73 35.44 -25.75 7.54
CA MET C 73 36.46 -26.34 6.68
C MET C 73 37.38 -25.29 6.06
N ASN C 74 37.18 -24.00 6.35
N ASN C 74 37.17 -24.01 6.38
CA ASN C 74 38.04 -22.93 5.84
CA ASN C 74 37.97 -22.89 5.86
C ASN C 74 38.11 -22.95 4.32
C ASN C 74 38.10 -22.97 4.34
N ALA C 75 36.95 -23.09 3.68
CA ALA C 75 36.90 -23.17 2.23
C ALA C 75 37.26 -21.84 1.58
N LYS C 76 37.88 -21.90 0.41
CA LYS C 76 38.34 -20.71 -0.28
C LYS C 76 37.90 -20.65 -1.74
N ARG C 77 37.83 -21.81 -2.40
CA ARG C 77 37.43 -21.90 -3.79
C ARG C 77 36.30 -22.91 -3.92
N THR C 78 35.19 -22.49 -4.52
CA THR C 78 33.99 -23.32 -4.53
C THR C 78 33.33 -23.26 -5.90
N ILE C 79 32.38 -24.18 -6.11
CA ILE C 79 31.52 -24.16 -7.29
C ILE C 79 30.07 -24.29 -6.82
N GLU C 80 29.18 -23.56 -7.49
CA GLU C 80 27.76 -23.53 -7.17
C GLU C 80 27.00 -23.87 -8.44
N ILE C 81 26.29 -25.00 -8.42
CA ILE C 81 25.60 -25.53 -9.59
C ILE C 81 24.11 -25.46 -9.32
N GLY C 82 23.43 -24.55 -10.02
CA GLY C 82 22.04 -24.26 -9.74
C GLY C 82 21.93 -23.06 -8.83
N VAL C 83 21.80 -21.87 -9.43
CA VAL C 83 21.89 -20.62 -8.70
C VAL C 83 20.53 -20.02 -8.42
N TYR C 84 19.61 -20.08 -9.39
CA TYR C 84 18.31 -19.41 -9.30
C TYR C 84 18.57 -17.95 -8.95
N THR C 85 17.90 -17.37 -7.95
CA THR C 85 18.08 -15.96 -7.62
C THR C 85 19.32 -15.70 -6.77
N GLY C 86 20.00 -16.74 -6.30
CA GLY C 86 21.29 -16.58 -5.66
C GLY C 86 21.33 -16.66 -4.15
N TYR C 87 20.36 -17.30 -3.50
CA TYR C 87 20.38 -17.36 -2.04
C TYR C 87 21.55 -18.21 -1.53
N SER C 88 21.71 -19.43 -2.04
CA SER C 88 22.83 -20.25 -1.57
C SER C 88 24.17 -19.69 -2.04
N LEU C 89 24.16 -19.02 -3.21
CA LEU C 89 25.39 -18.42 -3.73
C LEU C 89 25.85 -17.27 -2.85
N LEU C 90 24.93 -16.38 -2.48
CA LEU C 90 25.28 -15.28 -1.57
C LEU C 90 25.68 -15.82 -0.20
N THR C 91 25.01 -16.87 0.27
CA THR C 91 25.43 -17.53 1.50
C THR C 91 26.90 -17.97 1.42
N THR C 92 27.25 -18.64 0.32
CA THR C 92 28.64 -19.06 0.11
C THR C 92 29.56 -17.85 0.05
N ALA C 93 29.19 -16.85 -0.75
CA ALA C 93 30.08 -15.70 -0.94
C ALA C 93 30.32 -14.96 0.36
N LEU C 94 29.31 -14.86 1.23
CA LEU C 94 29.50 -14.16 2.49
C LEU C 94 30.35 -14.97 3.46
N ALA C 95 30.37 -16.30 3.31
CA ALA C 95 31.15 -17.15 4.20
C ALA C 95 32.62 -17.21 3.80
N LEU C 96 32.92 -17.04 2.51
CA LEU C 96 34.31 -17.12 2.06
C LEU C 96 35.09 -15.87 2.48
N PRO C 97 36.42 -15.97 2.57
CA PRO C 97 37.23 -14.78 2.87
C PRO C 97 37.14 -13.77 1.74
N GLU C 98 37.75 -12.59 2.00
CA GLU C 98 37.65 -11.48 1.04
C GLU C 98 38.13 -11.86 -0.35
N ASP C 99 39.09 -12.79 -0.44
CA ASP C 99 39.64 -13.18 -1.73
C ASP C 99 39.19 -14.57 -2.16
N GLY C 100 38.10 -15.07 -1.60
CA GLY C 100 37.54 -16.33 -2.06
C GLY C 100 37.00 -16.22 -3.47
N LYS C 101 36.82 -17.37 -4.11
CA LYS C 101 36.38 -17.43 -5.51
C LYS C 101 35.32 -18.51 -5.68
N ILE C 102 34.27 -18.17 -6.43
CA ILE C 102 33.17 -19.08 -6.70
C ILE C 102 32.98 -19.17 -8.20
N THR C 103 32.87 -20.40 -8.71
CA THR C 103 32.35 -20.63 -10.05
C THR C 103 30.88 -20.98 -9.93
N ALA C 104 30.00 -20.12 -10.46
CA ALA C 104 28.57 -20.29 -10.34
C ALA C 104 27.98 -20.54 -11.71
N ILE C 105 27.18 -21.61 -11.83
CA ILE C 105 26.68 -22.09 -13.12
C ILE C 105 25.16 -22.21 -13.05
N ASP C 106 24.47 -21.63 -14.03
CA ASP C 106 23.03 -21.79 -14.16
C ASP C 106 22.65 -21.54 -15.61
N VAL C 107 21.62 -22.26 -16.08
CA VAL C 107 21.17 -22.07 -17.45
C VAL C 107 20.42 -20.77 -17.66
N ASN C 108 20.01 -20.10 -16.58
CA ASN C 108 19.13 -18.94 -16.67
C ASN C 108 19.73 -17.78 -15.88
N LYS C 109 20.40 -16.86 -16.58
CA LYS C 109 21.02 -15.73 -15.91
C LYS C 109 20.00 -14.68 -15.45
N SER C 110 18.82 -14.64 -16.06
N SER C 110 18.82 -14.64 -16.07
CA SER C 110 17.83 -13.67 -15.63
CA SER C 110 17.79 -13.70 -15.66
C SER C 110 17.36 -13.92 -14.20
C SER C 110 17.37 -13.92 -14.21
N TYR C 111 17.36 -15.18 -13.77
CA TYR C 111 17.08 -15.49 -12.37
C TYR C 111 18.13 -14.86 -11.47
N TYR C 112 19.41 -15.08 -11.80
CA TYR C 112 20.51 -14.52 -11.04
C TYR C 112 20.41 -13.00 -10.93
N GLU C 113 19.93 -12.34 -11.99
CA GLU C 113 19.84 -10.88 -11.96
C GLU C 113 18.73 -10.38 -11.05
N ILE C 114 17.83 -11.25 -10.59
CA ILE C 114 16.86 -10.86 -9.58
C ILE C 114 17.56 -10.62 -8.25
N GLY C 115 18.49 -11.50 -7.88
CA GLY C 115 19.21 -11.36 -6.62
C GLY C 115 20.50 -10.60 -6.70
N LEU C 116 21.00 -10.35 -7.91
CA LEU C 116 22.27 -9.64 -8.09
C LEU C 116 22.38 -8.32 -7.33
N PRO C 117 21.37 -7.44 -7.30
CA PRO C 117 21.54 -6.19 -6.54
C PRO C 117 21.85 -6.42 -5.07
N PHE C 118 21.36 -7.52 -4.48
CA PHE C 118 21.63 -7.79 -3.07
C PHE C 118 23.03 -8.37 -2.89
N ILE C 119 23.47 -9.20 -3.84
CA ILE C 119 24.85 -9.65 -3.87
C ILE C 119 25.80 -8.46 -3.98
N GLN C 120 25.44 -7.49 -4.82
CA GLN C 120 26.28 -6.30 -4.98
C GLN C 120 26.30 -5.47 -3.70
N LYS C 121 25.14 -5.28 -3.06
CA LYS C 121 25.11 -4.50 -1.83
C LYS C 121 25.85 -5.19 -0.70
N ALA C 122 25.95 -6.53 -0.74
CA ALA C 122 26.73 -7.26 0.26
C ALA C 122 28.23 -7.19 0.00
N GLY C 123 28.65 -6.63 -1.14
CA GLY C 123 30.06 -6.44 -1.41
C GLY C 123 30.83 -7.69 -1.76
N VAL C 124 30.19 -8.67 -2.40
CA VAL C 124 30.85 -9.95 -2.65
C VAL C 124 30.71 -10.37 -4.12
N GLU C 125 30.19 -9.49 -4.98
CA GLU C 125 30.04 -9.86 -6.37
C GLU C 125 31.38 -10.18 -7.02
N HIS C 126 32.46 -9.52 -6.57
CA HIS C 126 33.78 -9.74 -7.12
C HIS C 126 34.26 -11.18 -6.94
N LYS C 127 33.72 -11.91 -5.97
CA LYS C 127 34.11 -13.30 -5.75
C LYS C 127 33.49 -14.26 -6.76
N ILE C 128 32.48 -13.83 -7.52
CA ILE C 128 31.61 -14.72 -8.27
C ILE C 128 31.94 -14.65 -9.75
N ASN C 129 32.18 -15.81 -10.35
CA ASN C 129 32.30 -15.94 -11.80
C ASN C 129 31.07 -16.71 -12.29
N PHE C 130 30.08 -15.99 -12.81
CA PHE C 130 28.83 -16.60 -13.23
C PHE C 130 28.92 -17.05 -14.68
N ILE C 131 28.58 -18.31 -14.92
CA ILE C 131 28.60 -18.91 -16.25
C ILE C 131 27.18 -19.31 -16.61
N GLU C 132 26.63 -18.70 -17.67
CA GLU C 132 25.27 -19.02 -18.11
C GLU C 132 25.37 -20.18 -19.10
N SER C 133 25.06 -21.39 -18.62
CA SER C 133 25.17 -22.60 -19.42
C SER C 133 24.57 -23.75 -18.65
N GLU C 134 24.24 -24.81 -19.38
CA GLU C 134 24.04 -26.10 -18.73
C GLU C 134 25.33 -26.49 -18.03
N ALA C 135 25.21 -27.15 -16.87
CA ALA C 135 26.38 -27.36 -16.03
C ALA C 135 27.29 -28.46 -16.55
N LEU C 136 26.73 -29.49 -17.19
CA LEU C 136 27.55 -30.64 -17.60
C LEU C 136 28.65 -30.27 -18.58
N PRO C 137 28.40 -29.55 -19.68
CA PRO C 137 29.52 -29.18 -20.56
C PRO C 137 30.56 -28.33 -19.89
N VAL C 138 30.16 -27.48 -18.95
CA VAL C 138 31.12 -26.65 -18.21
C VAL C 138 32.04 -27.52 -17.38
N LEU C 139 31.47 -28.48 -16.65
CA LEU C 139 32.29 -29.36 -15.81
C LEU C 139 33.25 -30.18 -16.66
N ASP C 140 32.79 -30.69 -17.80
CA ASP C 140 33.67 -31.44 -18.69
C ASP C 140 34.83 -30.58 -19.16
N GLN C 141 34.57 -29.33 -19.53
CA GLN C 141 35.63 -28.42 -19.91
C GLN C 141 36.58 -28.14 -18.74
N MET C 142 36.04 -28.07 -17.52
CA MET C 142 36.88 -27.86 -16.35
C MET C 142 37.84 -29.02 -16.12
N LEU C 143 37.42 -30.24 -16.46
CA LEU C 143 38.33 -31.37 -16.38
C LEU C 143 39.50 -31.21 -17.35
N GLU C 144 39.32 -30.45 -18.42
CA GLU C 144 40.36 -30.27 -19.41
C GLU C 144 41.42 -29.25 -19.00
N GLU C 145 41.09 -28.33 -18.09
CA GLU C 145 42.01 -27.25 -17.77
C GLU C 145 42.68 -27.45 -16.42
N MET C 146 41.88 -27.38 -15.35
CA MET C 146 42.40 -27.17 -14.01
C MET C 146 43.27 -28.35 -13.56
N LYS C 147 44.14 -28.06 -12.58
CA LYS C 147 44.97 -29.05 -11.91
C LYS C 147 44.74 -28.98 -10.41
N GLU C 148 45.70 -29.49 -9.62
CA GLU C 148 45.47 -29.60 -8.19
C GLU C 148 45.49 -28.25 -7.48
N GLU C 149 46.20 -27.27 -8.03
CA GLU C 149 46.15 -25.92 -7.46
C GLU C 149 44.78 -25.29 -7.63
N ASP C 150 44.03 -25.74 -8.63
CA ASP C 150 42.72 -25.18 -8.95
C ASP C 150 41.58 -26.08 -8.49
N LEU C 151 41.89 -27.19 -7.83
CA LEU C 151 40.85 -28.04 -7.26
C LEU C 151 40.00 -27.24 -6.28
N TYR C 152 38.72 -27.56 -6.23
CA TYR C 152 37.76 -26.85 -5.40
C TYR C 152 37.70 -27.46 -4.00
N ASP C 153 37.40 -26.62 -3.01
CA ASP C 153 37.20 -27.11 -1.65
C ASP C 153 35.80 -27.64 -1.44
N TYR C 154 34.82 -27.11 -2.17
CA TYR C 154 33.41 -27.31 -1.86
C TYR C 154 32.59 -27.13 -3.12
N ALA C 155 31.57 -27.99 -3.27
CA ALA C 155 30.64 -27.92 -4.39
C ALA C 155 29.23 -28.09 -3.84
N PHE C 156 28.33 -27.20 -4.25
CA PHE C 156 26.91 -27.31 -3.92
C PHE C 156 26.13 -27.61 -5.19
N VAL C 157 25.41 -28.72 -5.20
CA VAL C 157 24.68 -29.21 -6.37
C VAL C 157 23.18 -29.03 -6.12
N ASP C 158 22.54 -28.21 -6.94
CA ASP C 158 21.14 -27.86 -6.72
C ASP C 158 20.49 -27.45 -8.04
N ALA C 159 20.77 -28.19 -9.10
CA ALA C 159 20.35 -27.82 -10.45
C ALA C 159 19.30 -28.83 -10.94
N ASP C 160 19.47 -29.46 -12.11
CA ASP C 160 18.47 -30.36 -12.64
C ASP C 160 18.63 -31.74 -12.00
N LYS C 161 17.56 -32.23 -11.38
CA LYS C 161 17.69 -33.35 -10.46
C LYS C 161 18.15 -34.63 -11.16
N SER C 162 17.69 -34.86 -12.39
CA SER C 162 18.02 -36.12 -13.05
C SER C 162 19.48 -36.22 -13.45
N ASN C 163 20.25 -35.13 -13.37
CA ASN C 163 21.64 -35.12 -13.79
C ASN C 163 22.62 -35.20 -12.61
N TYR C 164 22.14 -35.39 -11.38
CA TYR C 164 23.04 -35.39 -10.23
C TYR C 164 24.10 -36.47 -10.36
N ALA C 165 23.71 -37.68 -10.76
CA ALA C 165 24.69 -38.76 -10.90
C ALA C 165 25.76 -38.41 -11.92
N ASN C 166 25.38 -37.72 -13.00
CA ASN C 166 26.38 -37.27 -13.97
C ASN C 166 27.29 -36.21 -13.37
N TYR C 167 26.72 -35.27 -12.60
CA TYR C 167 27.53 -34.26 -11.94
C TYR C 167 28.55 -34.91 -10.99
N HIS C 168 28.12 -35.93 -10.25
CA HIS C 168 28.99 -36.58 -9.28
C HIS C 168 30.27 -37.10 -9.91
N GLU C 169 30.17 -37.68 -11.13
CA GLU C 169 31.33 -38.30 -11.74
C GLU C 169 32.39 -37.27 -12.13
N ARG C 170 31.98 -36.03 -12.40
CA ARG C 170 32.95 -34.97 -12.62
C ARG C 170 33.46 -34.40 -11.30
N LEU C 171 32.54 -34.16 -10.36
CA LEU C 171 32.89 -33.43 -9.14
C LEU C 171 33.86 -34.22 -8.25
N VAL C 172 33.81 -35.55 -8.30
CA VAL C 172 34.79 -36.32 -7.52
C VAL C 172 36.20 -36.15 -8.06
N LYS C 173 36.37 -35.55 -9.23
CA LYS C 173 37.68 -35.19 -9.74
C LYS C 173 38.00 -33.71 -9.56
N LEU C 174 36.98 -32.86 -9.54
CA LEU C 174 37.15 -31.40 -9.46
C LEU C 174 37.32 -30.89 -8.04
N VAL C 175 36.86 -31.63 -7.06
CA VAL C 175 37.00 -31.26 -5.65
C VAL C 175 38.24 -31.96 -5.10
N ARG C 176 39.00 -31.25 -4.27
CA ARG C 176 40.21 -31.82 -3.70
C ARG C 176 39.90 -33.00 -2.80
N ILE C 177 40.93 -33.81 -2.55
CA ILE C 177 40.85 -34.82 -1.50
C ILE C 177 40.54 -34.11 -0.18
N GLY C 178 39.57 -34.64 0.56
CA GLY C 178 39.08 -33.99 1.76
C GLY C 178 38.09 -32.87 1.52
N GLY C 179 37.85 -32.47 0.27
CA GLY C 179 36.84 -31.47 -0.02
C GLY C 179 35.44 -32.05 0.03
N ALA C 180 34.45 -31.16 -0.04
CA ALA C 180 33.07 -31.51 0.19
C ALA C 180 32.23 -31.33 -1.07
N ILE C 181 31.34 -32.29 -1.32
CA ILE C 181 30.32 -32.19 -2.37
C ILE C 181 28.96 -32.36 -1.71
N LEU C 182 28.11 -31.36 -1.85
CA LEU C 182 26.79 -31.38 -1.22
C LEU C 182 25.70 -31.44 -2.29
N TYR C 183 24.72 -32.31 -2.08
CA TYR C 183 23.59 -32.49 -2.99
C TYR C 183 22.31 -32.08 -2.29
N ASP C 184 21.63 -31.09 -2.85
CA ASP C 184 20.35 -30.63 -2.32
C ASP C 184 19.22 -31.56 -2.75
N ASN C 185 18.16 -31.60 -1.95
CA ASN C 185 16.89 -32.26 -2.29
C ASN C 185 16.94 -33.78 -2.24
N THR C 186 17.91 -34.38 -1.55
CA THR C 186 18.04 -35.84 -1.65
C THR C 186 16.95 -36.60 -0.90
N LEU C 187 16.10 -35.93 -0.13
CA LEU C 187 14.93 -36.60 0.45
C LEU C 187 13.64 -36.31 -0.31
N TRP C 188 13.70 -35.39 -1.29
CA TRP C 188 12.63 -35.09 -2.24
C TRP C 188 11.25 -35.12 -1.58
N TYR C 189 11.08 -34.25 -0.59
CA TYR C 189 9.81 -34.05 0.11
C TYR C 189 9.33 -35.31 0.83
N GLY C 190 10.24 -36.24 1.12
CA GLY C 190 9.88 -37.49 1.73
C GLY C 190 9.46 -38.57 0.76
N SER C 191 9.29 -38.25 -0.53
CA SER C 191 8.74 -39.22 -1.46
C SER C 191 9.72 -40.34 -1.80
N VAL C 192 11.01 -40.18 -1.49
CA VAL C 192 11.97 -41.25 -1.74
C VAL C 192 11.81 -42.42 -0.78
N ALA C 193 11.07 -42.24 0.31
CA ALA C 193 10.98 -43.28 1.34
C ALA C 193 10.16 -44.49 0.90
N TYR C 194 9.51 -44.44 -0.26
CA TYR C 194 8.67 -45.53 -0.72
C TYR C 194 9.04 -45.91 -2.15
N PRO C 195 8.86 -47.18 -2.52
CA PRO C 195 9.05 -47.58 -3.92
C PRO C 195 8.09 -46.88 -4.89
N GLU C 196 6.83 -46.68 -4.49
CA GLU C 196 5.88 -45.96 -5.31
C GLU C 196 5.32 -44.77 -4.53
N TYR C 197 4.98 -43.71 -5.25
CA TYR C 197 4.44 -42.49 -4.63
C TYR C 197 3.49 -41.83 -5.61
N PRO C 198 2.18 -42.03 -5.45
CA PRO C 198 1.22 -41.51 -6.43
C PRO C 198 1.07 -39.99 -6.34
N GLY C 199 0.50 -39.43 -7.41
CA GLY C 199 0.10 -38.03 -7.42
C GLY C 199 1.15 -37.04 -7.84
N LEU C 200 2.24 -37.47 -8.47
CA LEU C 200 3.33 -36.57 -8.83
C LEU C 200 3.24 -36.17 -10.30
N HIS C 201 3.76 -34.98 -10.59
CA HIS C 201 4.05 -34.59 -11.96
C HIS C 201 5.07 -35.56 -12.55
N PRO C 202 4.98 -35.84 -13.85
CA PRO C 202 5.98 -36.76 -14.47
C PRO C 202 7.42 -36.38 -14.20
N GLU C 203 7.77 -35.10 -14.22
CA GLU C 203 9.15 -34.70 -13.94
C GLU C 203 9.52 -34.93 -12.48
N GLU C 204 8.54 -34.78 -11.58
CA GLU C 204 8.78 -35.06 -10.17
C GLU C 204 9.02 -36.55 -9.93
N GLU C 205 8.36 -37.42 -10.71
CA GLU C 205 8.58 -38.85 -10.55
C GLU C 205 9.95 -39.25 -11.09
N VAL C 206 10.38 -38.65 -12.20
CA VAL C 206 11.73 -38.90 -12.69
C VAL C 206 12.77 -38.48 -11.66
N ALA C 207 12.57 -37.31 -11.03
CA ALA C 207 13.49 -36.88 -9.98
C ALA C 207 13.47 -37.83 -8.79
N ARG C 208 12.28 -38.28 -8.38
CA ARG C 208 12.17 -39.16 -7.24
C ARG C 208 12.95 -40.46 -7.45
N LEU C 209 12.79 -41.08 -8.62
CA LEU C 209 13.56 -42.27 -8.94
C LEU C 209 15.05 -41.96 -9.06
N SER C 210 15.39 -40.81 -9.63
CA SER C 210 16.78 -40.40 -9.70
C SER C 210 17.41 -40.31 -8.31
N PHE C 211 16.66 -39.77 -7.33
CA PHE C 211 17.22 -39.63 -5.99
C PHE C 211 17.31 -40.98 -5.27
N ARG C 212 16.30 -41.85 -5.44
CA ARG C 212 16.40 -43.17 -4.84
C ARG C 212 17.63 -43.92 -5.38
N ASN C 213 17.89 -43.83 -6.68
CA ASN C 213 19.09 -44.44 -7.24
C ASN C 213 20.35 -43.75 -6.74
N LEU C 214 20.34 -42.41 -6.69
CA LEU C 214 21.52 -41.68 -6.24
C LEU C 214 21.84 -41.99 -4.79
N ASN C 215 20.82 -42.02 -3.93
CA ASN C 215 21.07 -42.26 -2.51
C ASN C 215 21.67 -43.64 -2.28
N THR C 216 21.18 -44.63 -3.01
CA THR C 216 21.79 -45.96 -2.93
C THR C 216 23.22 -45.94 -3.44
N PHE C 217 23.45 -45.26 -4.57
CA PHE C 217 24.78 -45.20 -5.15
C PHE C 217 25.78 -44.53 -4.21
N LEU C 218 25.42 -43.36 -3.69
CA LEU C 218 26.33 -42.61 -2.83
C LEU C 218 26.68 -43.39 -1.56
N ALA C 219 25.73 -44.15 -1.03
CA ALA C 219 26.03 -44.95 0.14
C ALA C 219 27.03 -46.06 -0.16
N ALA C 220 27.15 -46.46 -1.43
CA ALA C 220 28.03 -47.55 -1.83
C ALA C 220 29.33 -47.08 -2.47
N ASP C 221 29.47 -45.79 -2.73
CA ASP C 221 30.61 -45.25 -3.49
C ASP C 221 31.85 -45.16 -2.61
N PRO C 222 32.85 -46.01 -2.84
CA PRO C 222 34.04 -46.01 -1.98
C PRO C 222 34.91 -44.77 -2.12
N ARG C 223 34.69 -43.95 -3.13
CA ARG C 223 35.51 -42.76 -3.34
C ARG C 223 35.17 -41.63 -2.36
N VAL C 224 34.06 -41.73 -1.63
CA VAL C 224 33.62 -40.69 -0.72
C VAL C 224 33.16 -41.30 0.60
N GLU C 225 33.17 -40.46 1.63
CA GLU C 225 32.37 -40.67 2.84
C GLU C 225 31.14 -39.77 2.74
N ILE C 226 30.03 -40.20 3.34
CA ILE C 226 28.78 -39.45 3.20
C ILE C 226 28.12 -39.22 4.55
N SER C 227 27.24 -38.23 4.56
CA SER C 227 26.27 -38.03 5.63
C SER C 227 25.03 -37.40 5.02
N GLN C 228 23.91 -38.11 5.05
CA GLN C 228 22.64 -37.53 4.62
C GLN C 228 21.96 -36.85 5.80
N VAL C 229 21.71 -35.55 5.68
CA VAL C 229 21.23 -34.73 6.80
C VAL C 229 19.79 -34.31 6.52
N SER C 230 18.90 -34.58 7.48
CA SER C 230 17.48 -34.29 7.32
C SER C 230 17.17 -32.82 7.59
N ILE C 231 17.83 -31.95 6.81
CA ILE C 231 17.62 -30.50 6.86
C ILE C 231 17.11 -30.05 5.50
N GLY C 232 16.23 -29.05 5.51
CA GLY C 232 15.65 -28.55 4.27
C GLY C 232 14.81 -29.60 3.56
N ASP C 233 15.27 -30.04 2.39
CA ASP C 233 14.68 -31.16 1.67
C ASP C 233 15.65 -32.35 1.64
N GLY C 234 16.53 -32.42 2.63
CA GLY C 234 17.58 -33.42 2.63
C GLY C 234 18.82 -32.90 1.94
N VAL C 235 19.95 -32.94 2.63
CA VAL C 235 21.24 -32.58 2.06
C VAL C 235 22.19 -33.73 2.33
N THR C 236 22.83 -34.24 1.27
CA THR C 236 23.82 -35.28 1.41
C THR C 236 25.21 -34.67 1.24
N ILE C 237 26.00 -34.70 2.31
CA ILE C 237 27.38 -34.24 2.30
C ILE C 237 28.26 -35.40 1.87
N CYS C 238 29.09 -35.17 0.86
CA CYS C 238 30.10 -36.15 0.45
C CYS C 238 31.49 -35.56 0.68
N ARG C 239 32.38 -36.36 1.22
CA ARG C 239 33.77 -35.96 1.44
C ARG C 239 34.66 -36.88 0.63
N ARG C 240 35.45 -36.30 -0.27
CA ARG C 240 36.29 -37.11 -1.17
C ARG C 240 37.44 -37.75 -0.40
N LEU C 241 37.58 -39.06 -0.55
CA LEU C 241 38.56 -39.82 0.21
C LEU C 241 39.90 -39.97 -0.51
N TYR C 242 39.87 -40.13 -1.83
CA TYR C 242 41.08 -40.28 -2.62
C TYR C 242 40.80 -39.93 -4.08
N SER D 7 -39.52 27.12 6.31
CA SER D 7 -39.90 26.81 7.69
C SER D 7 -39.35 25.45 8.11
N ILE D 8 -38.73 25.41 9.29
CA ILE D 8 -38.15 24.16 9.80
C ILE D 8 -39.23 23.12 10.02
N ASP D 9 -40.48 23.55 10.24
CA ASP D 9 -41.59 22.63 10.44
C ASP D 9 -41.87 21.77 9.22
N ASP D 10 -41.32 22.14 8.07
CA ASP D 10 -41.51 21.37 6.84
C ASP D 10 -40.60 20.15 6.75
N TYR D 11 -39.53 20.11 7.52
CA TYR D 11 -38.49 19.09 7.40
C TYR D 11 -38.51 18.17 8.60
N SER D 12 -38.23 16.88 8.37
CA SER D 12 -38.33 15.89 9.43
C SER D 12 -37.01 15.64 10.13
N LEU D 13 -35.88 15.85 9.46
CA LEU D 13 -34.56 15.66 10.04
C LEU D 13 -34.05 17.01 10.51
N VAL D 14 -33.93 17.20 11.83
CA VAL D 14 -33.63 18.51 12.38
C VAL D 14 -32.41 18.45 13.31
N HIS D 15 -32.55 17.86 14.48
CA HIS D 15 -31.51 17.89 15.50
C HIS D 15 -30.54 16.72 15.30
N LYS D 16 -29.25 17.02 15.25
CA LYS D 16 -28.24 16.03 14.89
C LYS D 16 -27.84 15.19 16.11
N ASN D 17 -28.08 13.88 16.01
CA ASN D 17 -27.58 12.90 16.98
C ASN D 17 -27.66 11.50 16.39
N ILE D 18 -26.51 10.95 15.98
CA ILE D 18 -26.42 9.58 15.49
C ILE D 18 -25.94 8.62 16.57
N LEU D 19 -25.84 9.09 17.81
CA LEU D 19 -25.44 8.27 18.94
C LEU D 19 -26.67 7.60 19.56
N HIS D 20 -26.44 6.67 20.48
CA HIS D 20 -27.55 5.85 20.93
C HIS D 20 -28.48 6.55 21.91
N SER D 21 -28.09 7.72 22.43
CA SER D 21 -28.96 8.42 23.37
C SER D 21 -28.62 9.90 23.38
N GLU D 22 -29.63 10.73 23.71
CA GLU D 22 -29.37 12.14 23.95
C GLU D 22 -28.44 12.33 25.14
N ASP D 23 -28.52 11.45 26.14
CA ASP D 23 -27.68 11.59 27.32
C ASP D 23 -26.20 11.42 26.97
N LEU D 24 -25.89 10.50 26.04
CA LEU D 24 -24.49 10.31 25.69
C LEU D 24 -23.94 11.52 24.93
N LEU D 25 -24.72 12.07 24.00
CA LEU D 25 -24.27 13.28 23.30
C LEU D 25 -24.12 14.43 24.28
N LYS D 26 -25.06 14.57 25.22
CA LYS D 26 -24.97 15.62 26.23
C LYS D 26 -23.71 15.48 27.07
N TYR D 27 -23.37 14.25 27.46
CA TYR D 27 -22.15 14.03 28.23
C TYR D 27 -20.93 14.52 27.47
N ILE D 28 -20.80 14.13 26.20
CA ILE D 28 -19.66 14.57 25.39
C ILE D 28 -19.58 16.09 25.38
N LEU D 29 -20.70 16.74 25.06
CA LEU D 29 -20.70 18.20 24.91
C LEU D 29 -20.34 18.89 26.22
N GLU D 30 -20.97 18.49 27.33
CA GLU D 30 -20.73 19.15 28.61
C GLU D 30 -19.37 18.78 29.20
N THR D 31 -18.91 17.55 28.98
CA THR D 31 -17.64 17.14 29.57
C THR D 31 -16.45 17.63 28.73
N SER D 32 -16.56 17.56 27.41
CA SER D 32 -15.40 17.66 26.52
C SER D 32 -15.46 18.79 25.52
N ALA D 33 -16.64 19.30 25.16
CA ALA D 33 -16.74 20.33 24.14
C ALA D 33 -16.88 21.74 24.73
N TYR D 34 -17.99 22.01 25.42
CA TYR D 34 -18.21 23.35 25.97
C TYR D 34 -17.06 23.90 26.82
N PRO D 35 -16.40 23.11 27.68
CA PRO D 35 -15.26 23.68 28.44
C PRO D 35 -14.11 24.12 27.55
N ARG D 36 -14.03 23.60 26.33
CA ARG D 36 -12.95 23.93 25.40
C ARG D 36 -13.42 24.85 24.28
N GLU D 37 -14.65 25.35 24.36
CA GLU D 37 -15.22 26.18 23.31
C GLU D 37 -14.87 27.65 23.55
N HIS D 38 -14.28 28.29 22.54
CA HIS D 38 -13.93 29.70 22.61
C HIS D 38 -15.15 30.53 23.00
N GLU D 39 -14.90 31.60 23.77
N GLU D 39 -14.90 31.61 23.75
CA GLU D 39 -15.98 32.45 24.26
CA GLU D 39 -15.99 32.44 24.26
C GLU D 39 -16.82 33.00 23.10
C GLU D 39 -16.81 33.04 23.12
N GLN D 40 -16.17 33.37 22.00
CA GLN D 40 -16.90 33.92 20.87
C GLN D 40 -17.65 32.85 20.09
N LEU D 41 -17.14 31.61 20.10
CA LEU D 41 -17.91 30.50 19.53
C LEU D 41 -19.16 30.21 20.34
N LYS D 42 -19.04 30.26 21.67
CA LYS D 42 -20.21 30.12 22.52
C LYS D 42 -21.24 31.21 22.23
N GLY D 43 -20.79 32.47 22.15
CA GLY D 43 -21.70 33.55 21.84
C GLY D 43 -22.37 33.37 20.48
N LEU D 44 -21.60 32.95 19.48
CA LEU D 44 -22.16 32.76 18.14
C LEU D 44 -23.20 31.63 18.15
N ARG D 45 -22.87 30.51 18.79
CA ARG D 45 -23.81 29.41 18.89
C ARG D 45 -25.10 29.83 19.59
N GLU D 46 -24.97 30.57 20.69
CA GLU D 46 -26.15 30.91 21.49
C GLU D 46 -27.09 31.86 20.74
N VAL D 47 -26.55 32.83 20.01
CA VAL D 47 -27.43 33.70 19.22
C VAL D 47 -27.98 32.93 18.02
N THR D 48 -27.22 31.96 17.50
CA THR D 48 -27.71 31.17 16.38
C THR D 48 -28.86 30.25 16.82
N GLU D 49 -28.77 29.71 18.04
CA GLU D 49 -29.84 28.87 18.55
C GLU D 49 -31.18 29.61 18.59
N LYS D 50 -31.17 30.95 18.55
CA LYS D 50 -32.42 31.70 18.42
C LYS D 50 -32.98 31.67 17.01
N HIS D 51 -32.13 31.43 16.00
CA HIS D 51 -32.52 31.56 14.60
C HIS D 51 -33.34 30.34 14.15
N GLU D 52 -34.14 30.56 13.11
CA GLU D 52 -35.05 29.52 12.63
C GLU D 52 -34.30 28.28 12.13
N TRP D 53 -33.13 28.47 11.52
CA TRP D 53 -32.36 27.34 10.99
C TRP D 53 -31.25 26.89 11.94
N SER D 54 -31.46 27.04 13.25
CA SER D 54 -30.43 26.67 14.22
C SER D 54 -30.03 25.21 14.13
N SER D 55 -30.89 24.36 13.53
CA SER D 55 -30.56 22.95 13.41
C SER D 55 -29.39 22.70 12.46
N ALA D 56 -29.07 23.67 11.61
CA ALA D 56 -27.97 23.54 10.65
C ALA D 56 -26.60 23.72 11.29
N LEU D 57 -26.53 24.23 12.53
CA LEU D 57 -25.25 24.47 13.18
C LEU D 57 -24.38 23.23 13.20
N VAL D 58 -23.12 23.40 12.80
CA VAL D 58 -22.14 22.36 13.14
C VAL D 58 -22.05 22.26 14.66
N PRO D 59 -22.20 21.07 15.25
CA PRO D 59 -22.22 20.96 16.71
C PRO D 59 -20.84 21.17 17.31
N ALA D 60 -20.83 21.46 18.62
CA ALA D 60 -19.60 21.90 19.25
C ALA D 60 -18.55 20.79 19.33
N ASP D 61 -18.96 19.52 19.38
CA ASP D 61 -17.95 18.46 19.41
C ASP D 61 -17.35 18.26 18.02
N GLU D 62 -18.15 18.36 16.97
CA GLU D 62 -17.59 18.33 15.63
C GLU D 62 -16.63 19.50 15.41
N GLY D 63 -17.00 20.68 15.93
CA GLY D 63 -16.15 21.86 15.75
C GLY D 63 -14.74 21.66 16.30
N LEU D 64 -14.65 21.11 17.51
CA LEU D 64 -13.33 20.86 18.08
C LEU D 64 -12.57 19.82 17.28
N PHE D 65 -13.29 18.90 16.65
CA PHE D 65 -12.68 17.90 15.77
CA PHE D 65 -12.65 17.91 15.79
C PHE D 65 -12.10 18.57 14.53
N LEU D 66 -12.85 19.47 13.91
CA LEU D 66 -12.34 20.24 12.78
C LEU D 66 -11.11 21.03 13.17
N SER D 67 -11.17 21.70 14.33
CA SER D 67 -10.02 22.48 14.81
C SER D 67 -8.80 21.60 15.00
N MET D 68 -8.98 20.42 15.59
CA MET D 68 -7.86 19.51 15.82
C MET D 68 -7.19 19.11 14.51
N LEU D 69 -7.99 18.75 13.50
CA LEU D 69 -7.41 18.37 12.20
C LEU D 69 -6.61 19.52 11.59
N LEU D 70 -7.13 20.74 11.69
CA LEU D 70 -6.43 21.89 11.11
C LEU D 70 -5.07 22.10 11.78
N LYS D 71 -5.03 22.03 13.11
CA LYS D 71 -3.77 22.22 13.82
C LYS D 71 -2.79 21.09 13.53
N LEU D 72 -3.27 19.85 13.49
CA LEU D 72 -2.36 18.71 13.33
C LEU D 72 -1.72 18.71 11.94
N MET D 73 -2.47 19.13 10.92
CA MET D 73 -1.90 19.21 9.57
C MET D 73 -1.25 20.55 9.28
N ASN D 74 -1.22 21.47 10.25
N ASN D 74 -1.23 21.46 10.25
CA ASN D 74 -0.55 22.76 10.08
CA ASN D 74 -0.58 22.77 10.12
C ASN D 74 -1.14 23.53 8.91
C ASN D 74 -1.14 23.56 8.94
N ALA D 75 -2.46 23.54 8.81
CA ALA D 75 -3.12 24.24 7.70
C ALA D 75 -2.90 25.74 7.79
N LYS D 76 -2.75 26.38 6.63
CA LYS D 76 -2.54 27.83 6.57
C LYS D 76 -3.55 28.51 5.66
N ARG D 77 -3.99 27.82 4.59
CA ARG D 77 -4.92 28.40 3.62
C ARG D 77 -6.07 27.41 3.40
N THR D 78 -7.29 27.88 3.64
CA THR D 78 -8.46 27.00 3.63
C THR D 78 -9.59 27.64 2.85
N ILE D 79 -10.58 26.81 2.51
CA ILE D 79 -11.82 27.28 1.90
C ILE D 79 -12.99 26.68 2.67
N GLU D 80 -14.03 27.48 2.88
CA GLU D 80 -15.23 27.09 3.62
CA GLU D 80 -15.23 27.06 3.60
C GLU D 80 -16.43 27.29 2.71
N ILE D 81 -17.19 26.22 2.47
CA ILE D 81 -18.33 26.25 1.55
C ILE D 81 -19.58 25.94 2.35
N GLY D 82 -20.43 26.96 2.54
CA GLY D 82 -21.57 26.84 3.42
C GLY D 82 -21.26 27.38 4.80
N VAL D 83 -21.48 28.67 5.00
CA VAL D 83 -21.05 29.37 6.20
C VAL D 83 -22.16 29.49 7.24
N TYR D 84 -23.40 29.75 6.78
CA TYR D 84 -24.55 30.03 7.65
C TYR D 84 -24.15 31.16 8.60
N THR D 85 -24.27 31.00 9.92
CA THR D 85 -23.92 32.09 10.82
C THR D 85 -22.44 32.15 11.14
N GLY D 86 -21.66 31.16 10.74
CA GLY D 86 -20.23 31.19 10.85
C GLY D 86 -19.57 30.36 11.95
N TYR D 87 -20.25 29.35 12.49
CA TYR D 87 -19.65 28.57 13.57
C TYR D 87 -18.40 27.83 13.12
N SER D 88 -18.51 27.05 12.03
CA SER D 88 -17.33 26.33 11.55
C SER D 88 -16.29 27.27 10.96
N LEU D 89 -16.73 28.41 10.39
CA LEU D 89 -15.79 29.39 9.88
C LEU D 89 -14.97 30.01 11.00
N LEU D 90 -15.62 30.39 12.10
CA LEU D 90 -14.90 30.92 13.25
C LEU D 90 -14.00 29.86 13.88
N THR D 91 -14.47 28.62 13.93
CA THR D 91 -13.62 27.50 14.36
C THR D 91 -12.34 27.44 13.54
N THR D 92 -12.47 27.50 12.21
CA THR D 92 -11.30 27.49 11.34
C THR D 92 -10.42 28.69 11.58
N ALA D 93 -11.03 29.88 11.64
CA ALA D 93 -10.26 31.11 11.78
C ALA D 93 -9.46 31.13 13.07
N LEU D 94 -10.03 30.59 14.15
CA LEU D 94 -9.32 30.54 15.43
C LEU D 94 -8.20 29.50 15.40
N ALA D 95 -8.34 28.45 14.59
CA ALA D 95 -7.33 27.40 14.55
C ALA D 95 -6.12 27.80 13.71
N LEU D 96 -6.31 28.62 12.70
CA LEU D 96 -5.22 28.98 11.80
C LEU D 96 -4.24 29.93 12.50
N PRO D 97 -3.00 29.98 12.04
CA PRO D 97 -2.05 30.99 12.54
C PRO D 97 -2.52 32.40 12.24
N GLU D 98 -1.83 33.37 12.85
CA GLU D 98 -2.19 34.78 12.70
C GLU D 98 -2.24 35.22 11.25
N ASP D 99 -1.44 34.61 10.37
CA ASP D 99 -1.41 34.99 8.97
C ASP D 99 -2.14 33.98 8.07
N GLY D 100 -2.99 33.13 8.65
CA GLY D 100 -3.78 32.22 7.85
C GLY D 100 -4.81 32.93 7.00
N LYS D 101 -5.29 32.23 5.96
CA LYS D 101 -6.24 32.80 5.01
C LYS D 101 -7.36 31.82 4.71
N ILE D 102 -8.58 32.35 4.62
CA ILE D 102 -9.78 31.56 4.37
C ILE D 102 -10.59 32.22 3.26
N THR D 103 -10.98 31.44 2.27
CA THR D 103 -12.01 31.84 1.32
C THR D 103 -13.33 31.20 1.77
N ALA D 104 -14.28 32.03 2.18
CA ALA D 104 -15.57 31.55 2.68
C ALA D 104 -16.67 31.91 1.68
N ILE D 105 -17.52 30.94 1.35
CA ILE D 105 -18.54 31.12 0.32
C ILE D 105 -19.91 30.72 0.86
N ASP D 106 -20.91 31.57 0.63
CA ASP D 106 -22.28 31.25 0.98
C ASP D 106 -23.20 32.12 0.11
N VAL D 107 -24.35 31.54 -0.27
CA VAL D 107 -25.32 32.30 -1.07
C VAL D 107 -25.97 33.42 -0.27
N ASN D 108 -26.00 33.31 1.06
CA ASN D 108 -26.81 34.18 1.89
C ASN D 108 -25.92 34.91 2.89
N LYS D 109 -25.61 36.18 2.58
CA LYS D 109 -24.76 36.98 3.46
C LYS D 109 -25.49 37.44 4.71
N SER D 110 -26.82 37.48 4.69
CA SER D 110 -27.55 37.88 5.90
C SER D 110 -27.34 36.88 7.03
N TYR D 111 -27.22 35.59 6.72
CA TYR D 111 -26.88 34.60 7.74
C TYR D 111 -25.52 34.90 8.36
N TYR D 112 -24.54 35.22 7.51
CA TYR D 112 -23.20 35.52 7.97
C TYR D 112 -23.17 36.71 8.92
N GLU D 113 -24.02 37.70 8.66
CA GLU D 113 -24.04 38.90 9.50
C GLU D 113 -24.58 38.63 10.90
N ILE D 114 -25.27 37.50 11.11
CA ILE D 114 -25.72 37.14 12.45
C ILE D 114 -24.54 36.84 13.36
N GLY D 115 -23.58 36.05 12.86
CA GLY D 115 -22.41 35.70 13.64
C GLY D 115 -21.20 36.57 13.41
N LEU D 116 -21.23 37.46 12.42
CA LEU D 116 -20.06 38.29 12.13
C LEU D 116 -19.56 39.13 13.31
N PRO D 117 -20.41 39.71 14.17
CA PRO D 117 -19.86 40.45 15.32
C PRO D 117 -19.00 39.60 16.23
N PHE D 118 -19.29 38.31 16.37
CA PHE D 118 -18.48 37.46 17.22
C PHE D 118 -17.16 37.07 16.55
N ILE D 119 -17.17 36.89 15.23
CA ILE D 119 -15.92 36.73 14.50
C ILE D 119 -15.05 37.95 14.68
N GLN D 120 -15.64 39.14 14.63
CA GLN D 120 -14.88 40.37 14.77
C GLN D 120 -14.30 40.52 16.17
N LYS D 121 -15.10 40.24 17.20
CA LYS D 121 -14.59 40.31 18.57
CA LYS D 121 -14.58 40.33 18.56
C LYS D 121 -13.47 39.30 18.81
N ALA D 122 -13.49 38.18 18.09
CA ALA D 122 -12.40 37.22 18.23
C ALA D 122 -11.11 37.71 17.61
N GLY D 123 -11.14 38.79 16.82
CA GLY D 123 -9.95 39.32 16.20
C GLY D 123 -9.48 38.59 14.98
N VAL D 124 -10.35 37.82 14.31
CA VAL D 124 -9.92 36.96 13.22
C VAL D 124 -10.64 37.27 11.91
N GLU D 125 -11.39 38.38 11.83
CA GLU D 125 -12.08 38.68 10.57
C GLU D 125 -11.09 38.94 9.44
N HIS D 126 -9.92 39.50 9.75
CA HIS D 126 -8.95 39.83 8.72
C HIS D 126 -8.50 38.60 7.92
N LYS D 127 -8.65 37.40 8.49
CA LYS D 127 -8.27 36.17 7.80
C LYS D 127 -9.27 35.76 6.72
N ILE D 128 -10.47 36.34 6.72
CA ILE D 128 -11.61 35.82 5.97
C ILE D 128 -11.89 36.70 4.76
N ASN D 129 -12.02 36.07 3.60
CA ASN D 129 -12.54 36.70 2.39
C ASN D 129 -13.89 36.05 2.11
N PHE D 130 -14.98 36.73 2.48
CA PHE D 130 -16.33 36.22 2.31
C PHE D 130 -16.85 36.57 0.92
N ILE D 131 -17.36 35.55 0.21
CA ILE D 131 -17.90 35.72 -1.13
C ILE D 131 -19.37 35.30 -1.09
N GLU D 132 -20.26 36.25 -1.38
CA GLU D 132 -21.69 35.94 -1.43
C GLU D 132 -22.04 35.46 -2.84
N SER D 133 -22.20 34.15 -2.99
CA SER D 133 -22.50 33.55 -4.28
C SER D 133 -22.83 32.08 -4.08
N GLU D 134 -23.56 31.51 -5.04
CA GLU D 134 -23.55 30.06 -5.19
C GLU D 134 -22.11 29.60 -5.35
N ALA D 135 -21.78 28.45 -4.75
CA ALA D 135 -20.38 28.06 -4.67
C ALA D 135 -19.84 27.56 -6.00
N LEU D 136 -20.67 26.92 -6.82
CA LEU D 136 -20.15 26.27 -8.03
C LEU D 136 -19.50 27.25 -9.00
N PRO D 137 -20.11 28.39 -9.35
CA PRO D 137 -19.40 29.33 -10.23
C PRO D 137 -18.14 29.91 -9.60
N VAL D 138 -18.11 30.09 -8.27
CA VAL D 138 -16.89 30.55 -7.63
C VAL D 138 -15.79 29.52 -7.77
N LEU D 139 -16.11 28.23 -7.58
CA LEU D 139 -15.10 27.19 -7.74
C LEU D 139 -14.65 27.07 -9.19
N ASP D 140 -15.58 27.23 -10.14
CA ASP D 140 -15.20 27.25 -11.55
C ASP D 140 -14.21 28.37 -11.84
N GLN D 141 -14.46 29.56 -11.30
CA GLN D 141 -13.58 30.70 -11.54
C GLN D 141 -12.24 30.53 -10.84
N MET D 142 -12.22 29.87 -9.68
CA MET D 142 -10.96 29.58 -9.01
C MET D 142 -10.09 28.64 -9.81
N LEU D 143 -10.72 27.68 -10.51
CA LEU D 143 -9.95 26.71 -11.29
C LEU D 143 -9.21 27.39 -12.44
N GLU D 144 -9.85 28.37 -13.09
CA GLU D 144 -9.18 29.09 -14.16
C GLU D 144 -8.02 29.94 -13.66
N GLU D 145 -8.00 30.27 -12.37
CA GLU D 145 -7.00 31.15 -11.79
C GLU D 145 -5.92 30.43 -11.01
N MET D 146 -6.25 29.28 -10.42
CA MET D 146 -5.42 28.69 -9.38
C MET D 146 -4.02 28.35 -9.90
N LYS D 147 -3.00 28.96 -9.29
CA LYS D 147 -1.64 28.51 -9.46
C LYS D 147 -1.39 27.35 -8.50
N GLU D 148 -0.57 26.38 -8.94
CA GLU D 148 -0.29 25.21 -8.12
C GLU D 148 0.26 25.60 -6.75
N GLU D 149 0.95 26.73 -6.67
CA GLU D 149 1.66 27.11 -5.45
C GLU D 149 0.74 27.66 -4.37
N ASP D 150 -0.53 27.94 -4.67
CA ASP D 150 -1.45 28.47 -3.67
C ASP D 150 -2.71 27.61 -3.59
N LEU D 151 -2.60 26.33 -3.91
CA LEU D 151 -3.67 25.38 -3.62
C LEU D 151 -3.97 25.41 -2.13
N TYR D 152 -5.21 25.07 -1.77
CA TYR D 152 -5.62 25.11 -0.38
C TYR D 152 -5.14 23.87 0.35
N ASP D 153 -4.90 24.02 1.66
CA ASP D 153 -4.58 22.88 2.51
C ASP D 153 -5.82 22.10 2.92
N TYR D 154 -6.96 22.76 2.99
CA TYR D 154 -8.13 22.24 3.68
C TYR D 154 -9.38 22.88 3.11
N ALA D 155 -10.39 22.05 2.85
CA ALA D 155 -11.69 22.51 2.38
C ALA D 155 -12.77 21.87 3.23
N PHE D 156 -13.72 22.68 3.70
CA PHE D 156 -14.88 22.16 4.43
C PHE D 156 -16.13 22.44 3.61
N VAL D 157 -16.88 21.39 3.29
CA VAL D 157 -18.03 21.46 2.40
C VAL D 157 -19.29 21.18 3.21
N ASP D 158 -20.17 22.18 3.28
CA ASP D 158 -21.34 22.13 4.15
C ASP D 158 -22.47 22.99 3.57
N ALA D 159 -22.66 22.95 2.27
CA ALA D 159 -23.59 23.84 1.56
C ALA D 159 -24.77 23.02 1.03
N ASP D 160 -25.13 23.12 -0.25
CA ASP D 160 -26.31 22.42 -0.75
C ASP D 160 -25.95 20.96 -1.01
N LYS D 161 -26.70 20.04 -0.39
CA LYS D 161 -26.27 18.65 -0.31
C LYS D 161 -26.25 17.97 -1.67
N SER D 162 -27.16 18.32 -2.57
CA SER D 162 -27.21 17.66 -3.87
C SER D 162 -26.03 18.04 -4.76
N ASN D 163 -25.27 19.07 -4.42
CA ASN D 163 -24.15 19.53 -5.24
C ASN D 163 -22.80 19.02 -4.77
N TYR D 164 -22.75 18.15 -3.75
CA TYR D 164 -21.46 17.74 -3.20
C TYR D 164 -20.57 17.10 -4.25
N ALA D 165 -21.14 16.24 -5.10
CA ALA D 165 -20.33 15.55 -6.10
C ALA D 165 -19.77 16.54 -7.12
N ASN D 166 -20.54 17.57 -7.47
CA ASN D 166 -20.00 18.63 -8.34
C ASN D 166 -18.91 19.42 -7.64
N TYR D 167 -19.09 19.72 -6.35
CA TYR D 167 -18.02 20.40 -5.60
C TYR D 167 -16.76 19.57 -5.58
N HIS D 168 -16.91 18.25 -5.42
CA HIS D 168 -15.76 17.36 -5.33
C HIS D 168 -14.88 17.46 -6.57
N GLU D 169 -15.49 17.48 -7.76
CA GLU D 169 -14.70 17.50 -8.99
C GLU D 169 -13.84 18.77 -9.10
N ARG D 170 -14.30 19.88 -8.52
CA ARG D 170 -13.45 21.07 -8.49
C ARG D 170 -12.44 21.02 -7.35
N LEU D 171 -12.88 20.55 -6.19
CA LEU D 171 -12.04 20.63 -5.00
C LEU D 171 -10.83 19.72 -5.08
N VAL D 172 -10.95 18.55 -5.72
CA VAL D 172 -9.78 17.68 -5.88
C VAL D 172 -8.72 18.30 -6.76
N LYS D 173 -9.03 19.41 -7.44
CA LYS D 173 -8.04 20.17 -8.18
C LYS D 173 -7.64 21.46 -7.48
N LEU D 174 -8.36 21.86 -6.42
CA LEU D 174 -8.08 23.12 -5.74
C LEU D 174 -7.31 22.95 -4.45
N VAL D 175 -7.32 21.77 -3.84
CA VAL D 175 -6.54 21.52 -2.64
C VAL D 175 -5.23 20.84 -3.04
N ARG D 176 -4.18 21.09 -2.27
CA ARG D 176 -2.88 20.53 -2.58
C ARG D 176 -2.88 19.02 -2.43
N ILE D 177 -1.89 18.39 -3.07
CA ILE D 177 -1.60 16.99 -2.80
C ILE D 177 -1.29 16.83 -1.32
N GLY D 178 -1.95 15.86 -0.68
CA GLY D 178 -1.89 15.74 0.75
C GLY D 178 -2.85 16.65 1.50
N GLY D 179 -3.56 17.53 0.78
CA GLY D 179 -4.57 18.36 1.40
C GLY D 179 -5.84 17.60 1.74
N ALA D 180 -6.67 18.21 2.59
CA ALA D 180 -7.87 17.57 3.11
C ALA D 180 -9.12 18.23 2.54
N ILE D 181 -10.12 17.41 2.22
CA ILE D 181 -11.46 17.87 1.85
C ILE D 181 -12.45 17.13 2.74
N LEU D 182 -13.24 17.88 3.51
CA LEU D 182 -14.16 17.29 4.47
C LEU D 182 -15.60 17.58 4.06
N TYR D 183 -16.41 16.53 3.96
CA TYR D 183 -17.82 16.66 3.60
C TYR D 183 -18.69 16.46 4.84
N ASP D 184 -19.49 17.47 5.16
CA ASP D 184 -20.39 17.40 6.30
C ASP D 184 -21.68 16.67 5.93
N ASN D 185 -22.29 16.02 6.92
CA ASN D 185 -23.62 15.41 6.81
C ASN D 185 -23.64 14.12 5.98
N THR D 186 -22.52 13.40 5.89
CA THR D 186 -22.52 12.25 4.99
C THR D 186 -23.25 11.03 5.54
N LEU D 187 -23.73 11.07 6.78
CA LEU D 187 -24.61 10.02 7.28
C LEU D 187 -26.08 10.44 7.30
N TRP D 188 -26.36 11.73 7.07
CA TRP D 188 -27.71 12.27 6.91
C TRP D 188 -28.68 11.69 7.93
N TYR D 189 -28.37 11.93 9.20
CA TYR D 189 -29.20 11.53 10.34
C TYR D 189 -29.43 10.02 10.39
N GLY D 190 -28.52 9.25 9.77
CA GLY D 190 -28.65 7.81 9.72
C GLY D 190 -29.54 7.29 8.60
N SER D 191 -30.24 8.16 7.88
CA SER D 191 -31.18 7.70 6.86
C SER D 191 -30.48 7.08 5.64
N VAL D 192 -29.16 7.27 5.49
CA VAL D 192 -28.44 6.66 4.38
C VAL D 192 -28.24 5.16 4.55
N ALA D 193 -28.48 4.63 5.75
CA ALA D 193 -28.21 3.21 6.01
C ALA D 193 -29.19 2.28 5.30
N TYR D 194 -30.24 2.81 4.70
CA TYR D 194 -31.29 2.00 4.10
C TYR D 194 -31.58 2.47 2.68
N PRO D 195 -31.94 1.55 1.78
CA PRO D 195 -32.36 1.98 0.43
C PRO D 195 -33.56 2.90 0.44
N GLU D 196 -34.50 2.69 1.36
CA GLU D 196 -35.70 3.52 1.47
C GLU D 196 -35.84 4.03 2.89
N TYR D 197 -36.46 5.20 3.04
CA TYR D 197 -36.61 5.83 4.36
C TYR D 197 -37.83 6.76 4.32
N PRO D 198 -38.95 6.33 4.87
CA PRO D 198 -40.19 7.11 4.76
C PRO D 198 -40.21 8.33 5.68
N GLY D 199 -41.12 9.24 5.37
CA GLY D 199 -41.40 10.39 6.20
C GLY D 199 -40.54 11.60 5.98
N LEU D 200 -39.83 11.68 4.86
CA LEU D 200 -38.90 12.77 4.61
C LEU D 200 -39.53 13.83 3.72
N HIS D 201 -39.15 15.09 3.97
CA HIS D 201 -39.43 16.14 3.01
C HIS D 201 -38.81 15.76 1.67
N PRO D 202 -39.46 16.07 0.54
CA PRO D 202 -38.86 15.73 -0.76
C PRO D 202 -37.44 16.22 -0.95
N GLU D 203 -37.09 17.39 -0.40
CA GLU D 203 -35.71 17.85 -0.46
C GLU D 203 -34.79 16.97 0.39
N GLU D 204 -35.30 16.45 1.51
CA GLU D 204 -34.48 15.56 2.33
C GLU D 204 -34.20 14.25 1.61
N GLU D 205 -35.20 13.70 0.90
CA GLU D 205 -34.99 12.48 0.14
C GLU D 205 -33.98 12.70 -0.99
N VAL D 206 -34.05 13.86 -1.66
CA VAL D 206 -33.05 14.18 -2.68
C VAL D 206 -31.65 14.16 -2.08
N ALA D 207 -31.49 14.80 -0.91
CA ALA D 207 -30.18 14.81 -0.25
C ALA D 207 -29.78 13.40 0.18
N ARG D 208 -30.73 12.63 0.69
CA ARG D 208 -30.42 11.28 1.16
C ARG D 208 -29.87 10.41 0.04
N LEU D 209 -30.46 10.50 -1.15
CA LEU D 209 -29.97 9.72 -2.28
C LEU D 209 -28.62 10.24 -2.77
N SER D 210 -28.44 11.55 -2.76
CA SER D 210 -27.16 12.12 -3.16
C SER D 210 -26.03 11.64 -2.26
N PHE D 211 -26.30 11.51 -0.94
CA PHE D 211 -25.26 11.07 -0.03
C PHE D 211 -24.93 9.58 -0.19
N ARG D 212 -25.94 8.74 -0.45
CA ARG D 212 -25.63 7.34 -0.73
C ARG D 212 -24.81 7.20 -2.00
N ASN D 213 -25.13 7.99 -3.02
CA ASN D 213 -24.31 7.99 -4.24
C ASN D 213 -22.92 8.54 -3.97
N LEU D 214 -22.82 9.62 -3.20
CA LEU D 214 -21.52 10.21 -2.91
C LEU D 214 -20.67 9.27 -2.08
N ASN D 215 -21.27 8.63 -1.06
CA ASN D 215 -20.50 7.75 -0.19
C ASN D 215 -19.93 6.57 -0.97
N THR D 216 -20.74 5.97 -1.85
CA THR D 216 -20.24 4.92 -2.71
C THR D 216 -19.12 5.43 -3.62
N PHE D 217 -19.30 6.63 -4.19
CA PHE D 217 -18.30 7.17 -5.11
C PHE D 217 -16.97 7.43 -4.41
N LEU D 218 -17.02 8.14 -3.28
CA LEU D 218 -15.78 8.48 -2.58
C LEU D 218 -15.02 7.23 -2.16
N ALA D 219 -15.74 6.17 -1.78
CA ALA D 219 -15.08 4.93 -1.37
C ALA D 219 -14.29 4.29 -2.51
N ALA D 220 -14.62 4.62 -3.76
CA ALA D 220 -13.93 4.06 -4.92
C ALA D 220 -13.10 5.07 -5.69
N ASP D 221 -13.14 6.35 -5.32
CA ASP D 221 -12.40 7.39 -6.04
C ASP D 221 -10.90 7.23 -5.83
N PRO D 222 -10.13 6.85 -6.85
CA PRO D 222 -8.70 6.56 -6.63
C PRO D 222 -7.86 7.80 -6.38
N ARG D 223 -8.39 8.99 -6.61
CA ARG D 223 -7.65 10.22 -6.38
C ARG D 223 -7.50 10.58 -4.91
N VAL D 224 -8.26 9.94 -4.01
CA VAL D 224 -8.22 10.29 -2.60
C VAL D 224 -8.14 9.04 -1.75
N GLU D 225 -7.67 9.22 -0.51
CA GLU D 225 -7.95 8.32 0.59
C GLU D 225 -9.08 8.93 1.41
N ILE D 226 -9.87 8.07 2.06
CA ILE D 226 -11.04 8.54 2.79
C ILE D 226 -11.11 7.92 4.18
N SER D 227 -11.81 8.63 5.06
CA SER D 227 -12.23 8.11 6.35
C SER D 227 -13.58 8.75 6.68
N GLN D 228 -14.63 7.93 6.75
CA GLN D 228 -15.92 8.42 7.20
C GLN D 228 -16.00 8.28 8.72
N VAL D 229 -16.29 9.39 9.39
CA VAL D 229 -16.22 9.50 10.84
C VAL D 229 -17.62 9.76 11.39
N SER D 230 -18.03 8.94 12.36
CA SER D 230 -19.38 9.00 12.92
C SER D 230 -19.48 10.08 14.01
N ILE D 231 -19.14 11.31 13.63
CA ILE D 231 -19.22 12.46 14.52
C ILE D 231 -20.18 13.47 13.89
N GLY D 232 -20.91 14.20 14.74
CA GLY D 232 -21.89 15.15 14.26
C GLY D 232 -23.01 14.45 13.49
N ASP D 233 -23.11 14.75 12.20
CA ASP D 233 -24.00 14.05 11.29
C ASP D 233 -23.20 13.21 10.29
N GLY D 234 -21.99 12.82 10.68
CA GLY D 234 -21.09 12.14 9.78
C GLY D 234 -20.22 13.13 9.04
N VAL D 235 -18.91 12.93 9.08
CA VAL D 235 -17.96 13.72 8.30
C VAL D 235 -17.06 12.74 7.55
N THR D 236 -16.95 12.93 6.24
CA THR D 236 -16.02 12.15 5.44
C THR D 236 -14.79 12.99 5.13
N ILE D 237 -13.65 12.57 5.65
CA ILE D 237 -12.37 13.21 5.38
C ILE D 237 -11.78 12.58 4.13
N CYS D 238 -11.41 13.42 3.16
CA CYS D 238 -10.69 12.98 1.97
C CYS D 238 -9.30 13.59 1.97
N ARG D 239 -8.31 12.81 1.54
CA ARG D 239 -6.94 13.29 1.41
C ARG D 239 -6.47 13.07 -0.03
N ARG D 240 -6.01 14.14 -0.68
CA ARG D 240 -5.66 14.07 -2.09
C ARG D 240 -4.34 13.35 -2.28
N LEU D 241 -4.34 12.30 -3.11
CA LEU D 241 -3.17 11.47 -3.36
C LEU D 241 -2.32 11.99 -4.51
N TYR D 242 -2.96 12.45 -5.59
CA TYR D 242 -2.22 12.93 -6.75
C TYR D 242 -3.06 13.92 -7.54
#